data_2NA5
# 
_entry.id   2NA5 
# 
_audit_conform.dict_name       mmcif_pdbx.dic 
_audit_conform.dict_version    5.399 
_audit_conform.dict_location   http://mmcif.pdb.org/dictionaries/ascii/mmcif_pdbx.dic 
# 
loop_
_database_2.database_code 
_database_2.database_id 
_database_2.pdbx_database_accession 
_database_2.pdbx_DOI 
RCSB104614   RCSB  ?            ?                   
2NA5         PDB   pdb_00002na5 10.2210/pdb2na5/pdb 
25928        BMRB  ?            10.13018/BMR25928   
D_1000104614 WWPDB ?            ?                   
# 
loop_
_pdbx_audit_revision_history.ordinal 
_pdbx_audit_revision_history.data_content_type 
_pdbx_audit_revision_history.major_revision 
_pdbx_audit_revision_history.minor_revision 
_pdbx_audit_revision_history.revision_date 
1 'Structure model' 1 0 2016-09-21 
2 'Structure model' 1 1 2016-10-12 
3 'Structure model' 2 0 2021-08-18 
4 'Structure model' 3 0 2023-11-15 
5 'Structure model' 3 1 2024-11-27 
# 
_pdbx_audit_revision_details.ordinal             1 
_pdbx_audit_revision_details.revision_ordinal    1 
_pdbx_audit_revision_details.data_content_type   'Structure model' 
_pdbx_audit_revision_details.provider            repository 
_pdbx_audit_revision_details.type                'Initial release' 
_pdbx_audit_revision_details.description         ? 
_pdbx_audit_revision_details.details             ? 
# 
loop_
_pdbx_audit_revision_group.ordinal 
_pdbx_audit_revision_group.revision_ordinal 
_pdbx_audit_revision_group.data_content_type 
_pdbx_audit_revision_group.group 
1  2 'Structure model' Other                     
2  3 'Structure model' 'Data collection'         
3  3 'Structure model' 'Database references'     
4  3 'Structure model' 'Derived calculations'    
5  3 'Structure model' 'Non-polymer description' 
6  3 'Structure model' 'Structure summary'       
7  4 'Structure model' 'Atomic model'            
8  4 'Structure model' 'Data collection'         
9  4 'Structure model' 'Derived calculations'    
10 5 'Structure model' 'Database references'     
11 5 'Structure model' 'Structure summary'       
# 
loop_
_pdbx_audit_revision_category.ordinal 
_pdbx_audit_revision_category.revision_ordinal 
_pdbx_audit_revision_category.data_content_type 
_pdbx_audit_revision_category.category 
1  3 'Structure model' chem_comp                 
2  3 'Structure model' database_2                
3  3 'Structure model' entity                    
4  3 'Structure model' pdbx_entity_nonpoly       
5  3 'Structure model' pdbx_nmr_software         
6  3 'Structure model' pdbx_validate_chiral      
7  3 'Structure model' struct_conn               
8  3 'Structure model' struct_site               
9  4 'Structure model' atom_site                 
10 4 'Structure model' chem_comp_atom            
11 4 'Structure model' chem_comp_bond            
12 4 'Structure model' struct_conn               
13 5 'Structure model' database_2                
14 5 'Structure model' pdbx_entry_details        
15 5 'Structure model' pdbx_modification_feature 
# 
loop_
_pdbx_audit_revision_item.ordinal 
_pdbx_audit_revision_item.revision_ordinal 
_pdbx_audit_revision_item.data_content_type 
_pdbx_audit_revision_item.item 
1  3 'Structure model' '_chem_comp.formula'                           
2  3 'Structure model' '_chem_comp.formula_weight'                    
3  3 'Structure model' '_chem_comp.name'                              
4  3 'Structure model' '_database_2.pdbx_DOI'                         
5  3 'Structure model' '_database_2.pdbx_database_accession'          
6  3 'Structure model' '_entity.formula_weight'                       
7  3 'Structure model' '_entity.pdbx_description'                     
8  3 'Structure model' '_pdbx_entity_nonpoly.name'                    
9  3 'Structure model' '_pdbx_nmr_software.name'                      
10 3 'Structure model' '_struct_conn.pdbx_dist_value'                 
11 3 'Structure model' '_struct_conn.pdbx_leaving_atom_flag'          
12 3 'Structure model' '_struct_conn.ptnr1_auth_comp_id'              
13 3 'Structure model' '_struct_conn.ptnr1_auth_seq_id'               
14 3 'Structure model' '_struct_conn.ptnr1_label_atom_id'             
15 3 'Structure model' '_struct_conn.ptnr1_label_comp_id'             
16 3 'Structure model' '_struct_conn.ptnr1_label_seq_id'              
17 3 'Structure model' '_struct_conn.ptnr2_auth_comp_id'              
18 3 'Structure model' '_struct_conn.ptnr2_auth_seq_id'               
19 3 'Structure model' '_struct_conn.ptnr2_label_asym_id'             
20 3 'Structure model' '_struct_conn.ptnr2_label_atom_id'             
21 3 'Structure model' '_struct_conn.ptnr2_label_comp_id'             
22 3 'Structure model' '_struct_conn.ptnr2_label_seq_id'              
23 3 'Structure model' '_struct_site.pdbx_auth_asym_id'               
24 3 'Structure model' '_struct_site.pdbx_auth_comp_id'               
25 3 'Structure model' '_struct_site.pdbx_auth_seq_id'                
26 4 'Structure model' '_atom_site.auth_atom_id'                      
27 4 'Structure model' '_atom_site.label_atom_id'                     
28 4 'Structure model' '_struct_conn.pdbx_leaving_atom_flag'          
29 5 'Structure model' '_database_2.pdbx_DOI'                         
30 5 'Structure model' '_pdbx_entry_details.has_protein_modification' 
# 
_pdbx_database_status.deposit_site                    BMRB 
_pdbx_database_status.entry_id                        2NA5 
_pdbx_database_status.process_site                    RCSB 
_pdbx_database_status.recvd_initial_deposition_date   2015-12-21 
_pdbx_database_status.SG_entry                        ? 
_pdbx_database_status.status_code                     REL 
_pdbx_database_status.status_code_mr                  REL 
_pdbx_database_status.status_code_sf                  ? 
_pdbx_database_status.status_code_cs                  REL 
_pdbx_database_status.methods_development_category    ? 
_pdbx_database_status.pdb_format_compatible           Y 
_pdbx_database_status.status_code_nmr_data            ? 
# 
_pdbx_database_related.db_id          25928 
_pdbx_database_related.db_name        BMRB 
_pdbx_database_related.content_type   unspecified 
_pdbx_database_related.details        . 
# 
loop_
_audit_author.name 
_audit_author.pdbx_ordinal 
'Doyle, R.P.'   1 
'Henry, K.E.'   2 
'Roth, C.L.'    3 
'Kerwood, D.J.' 4 
'Allis, D.G.'   5 
'Holz, G.G.'    6 
'Zubieta, J.'   7 
# 
_citation.id                        primary 
_citation.title                     
'Solution Structure and Constrained Molecular Dynamics Study of Vitamin B12 Conjugates of the Anorectic Peptide PYY(3-36).' 
_citation.journal_abbrev            Chemmedchem 
_citation.journal_volume            11 
_citation.page_first                1015 
_citation.page_last                 1021 
_citation.year                      2016 
_citation.journal_id_ASTM           ? 
_citation.country                   DE 
_citation.journal_id_ISSN           1860-7179 
_citation.journal_id_CSD            ? 
_citation.book_publisher            ? 
_citation.pdbx_database_id_PubMed   27027248 
_citation.pdbx_database_id_DOI      10.1002/cmdc.201600073 
# 
loop_
_citation_author.citation_id 
_citation_author.name 
_citation_author.ordinal 
_citation_author.identifier_ORCID 
primary 'Henry, K.E.'      1 ? 
primary 'Kerwood, D.J.'    2 ? 
primary 'Allis, D.G.'      3 ? 
primary 'Workinger, J.L.'  4 ? 
primary 'Bonaccorso, R.L.' 5 ? 
primary 'Holz, G.G.'       6 ? 
primary 'Roth, C.L.'       7 ? 
primary 'Zubieta, J.'      8 ? 
primary 'Doyle, R.P.'      9 ? 
# 
loop_
_entity.id 
_entity.type 
_entity.src_method 
_entity.pdbx_description 
_entity.formula_weight 
_entity.pdbx_number_of_molecules 
_entity.pdbx_ec 
_entity.pdbx_mutation 
_entity.pdbx_fragment 
_entity.details 
1 polymer     syn 'Peptide YY'   4150.594 1 ? ? 'residues 31-64' ? 
2 non-polymer syn CYANOCOBALAMIN 1356.373 1 ? ? ?                ? 
# 
_entity_name_com.entity_id   1 
_entity_name_com.name        'PYY, PYY-I, Peptide tyrosine tyrosine, Peptide YY(3-36), PYY-II' 
# 
_entity_poly.entity_id                      1 
_entity_poly.type                           'polypeptide(L)' 
_entity_poly.nstd_linkage                   no 
_entity_poly.nstd_monomer                   yes 
_entity_poly.pdbx_seq_one_letter_code       'I(4QK)PEAPGEDASPEELNRYYASLRHYLNLVTRQRY' 
_entity_poly.pdbx_seq_one_letter_code_can   IXPEAPGEDASPEELNRYYASLRHYLNLVTRQRY 
_entity_poly.pdbx_strand_id                 A 
_entity_poly.pdbx_target_identifier         ? 
# 
_pdbx_entity_nonpoly.entity_id   2 
_pdbx_entity_nonpoly.name        CYANOCOBALAMIN 
_pdbx_entity_nonpoly.comp_id     CNC 
# 
loop_
_entity_poly_seq.entity_id 
_entity_poly_seq.num 
_entity_poly_seq.mon_id 
_entity_poly_seq.hetero 
1 1  ILE n 
1 2  4QK n 
1 3  PRO n 
1 4  GLU n 
1 5  ALA n 
1 6  PRO n 
1 7  GLY n 
1 8  GLU n 
1 9  ASP n 
1 10 ALA n 
1 11 SER n 
1 12 PRO n 
1 13 GLU n 
1 14 GLU n 
1 15 LEU n 
1 16 ASN n 
1 17 ARG n 
1 18 TYR n 
1 19 TYR n 
1 20 ALA n 
1 21 SER n 
1 22 LEU n 
1 23 ARG n 
1 24 HIS n 
1 25 TYR n 
1 26 LEU n 
1 27 ASN n 
1 28 LEU n 
1 29 VAL n 
1 30 THR n 
1 31 ARG n 
1 32 GLN n 
1 33 ARG n 
1 34 TYR n 
# 
_pdbx_entity_src_syn.entity_id              1 
_pdbx_entity_src_syn.pdbx_src_id            1 
_pdbx_entity_src_syn.pdbx_alt_source_flag   sample 
_pdbx_entity_src_syn.pdbx_beg_seq_num       ? 
_pdbx_entity_src_syn.pdbx_end_seq_num       ? 
_pdbx_entity_src_syn.organism_scientific    'Homo sapiens' 
_pdbx_entity_src_syn.organism_common_name   human 
_pdbx_entity_src_syn.ncbi_taxonomy_id       9606 
_pdbx_entity_src_syn.details                ? 
# 
loop_
_chem_comp.id 
_chem_comp.type 
_chem_comp.mon_nstd_flag 
_chem_comp.name 
_chem_comp.pdbx_synonyms 
_chem_comp.formula 
_chem_comp.formula_weight 
4QK 'L-peptide linking' . '6-[4-(2-aminoethyl)-1H-1,2,3-triazol-1-yl]-L-norleucine' ? 'C10 H19 N5 O2'          241.290  
ALA 'L-peptide linking' y ALANINE                                                   ? 'C3 H7 N O2'             89.093   
ARG 'L-peptide linking' y ARGININE                                                  ? 'C6 H15 N4 O2 1'         175.209  
ASN 'L-peptide linking' y ASPARAGINE                                                ? 'C4 H8 N2 O3'            132.118  
ASP 'L-peptide linking' y 'ASPARTIC ACID'                                           ? 'C4 H7 N O4'             133.103  
CNC non-polymer         . CYANOCOBALAMIN                                            ? 'C63 H89 Co N14 O14 P 2' 1356.373 
GLN 'L-peptide linking' y GLUTAMINE                                                 ? 'C5 H10 N2 O3'           146.144  
GLU 'L-peptide linking' y 'GLUTAMIC ACID'                                           ? 'C5 H9 N O4'             147.129  
GLY 'peptide linking'   y GLYCINE                                                   ? 'C2 H5 N O2'             75.067   
HIS 'L-peptide linking' y HISTIDINE                                                 ? 'C6 H10 N3 O2 1'         156.162  
ILE 'L-peptide linking' y ISOLEUCINE                                                ? 'C6 H13 N O2'            131.173  
LEU 'L-peptide linking' y LEUCINE                                                   ? 'C6 H13 N O2'            131.173  
PRO 'L-peptide linking' y PROLINE                                                   ? 'C5 H9 N O2'             115.130  
SER 'L-peptide linking' y SERINE                                                    ? 'C3 H7 N O3'             105.093  
THR 'L-peptide linking' y THREONINE                                                 ? 'C4 H9 N O3'             119.119  
TYR 'L-peptide linking' y TYROSINE                                                  ? 'C9 H11 N O3'            181.189  
VAL 'L-peptide linking' y VALINE                                                    ? 'C5 H11 N O2'            117.146  
# 
loop_
_pdbx_poly_seq_scheme.asym_id 
_pdbx_poly_seq_scheme.entity_id 
_pdbx_poly_seq_scheme.seq_id 
_pdbx_poly_seq_scheme.mon_id 
_pdbx_poly_seq_scheme.ndb_seq_num 
_pdbx_poly_seq_scheme.pdb_seq_num 
_pdbx_poly_seq_scheme.auth_seq_num 
_pdbx_poly_seq_scheme.pdb_mon_id 
_pdbx_poly_seq_scheme.auth_mon_id 
_pdbx_poly_seq_scheme.pdb_strand_id 
_pdbx_poly_seq_scheme.pdb_ins_code 
_pdbx_poly_seq_scheme.hetero 
A 1 1  ILE 1  3  3  ILE ILE A . n 
A 1 2  4QK 2  4  4  4QK LCT A . n 
A 1 3  PRO 3  6  5  PRO PRO A . n 
A 1 4  GLU 4  7  6  GLU GLU A . n 
A 1 5  ALA 5  8  7  ALA ALA A . n 
A 1 6  PRO 6  9  8  PRO PRO A . n 
A 1 7  GLY 7  10 9  GLY GLY A . n 
A 1 8  GLU 8  11 10 GLU GLU A . n 
A 1 9  ASP 9  12 11 ASP ASP A . n 
A 1 10 ALA 10 13 12 ALA ALA A . n 
A 1 11 SER 11 14 13 SER SER A . n 
A 1 12 PRO 12 15 14 PRO PRO A . n 
A 1 13 GLU 13 16 15 GLU GLU A . n 
A 1 14 GLU 14 17 16 GLU GLU A . n 
A 1 15 LEU 15 18 17 LEU LEU A . n 
A 1 16 ASN 16 19 18 ASN ASN A . n 
A 1 17 ARG 17 20 19 ARG ARG A . n 
A 1 18 TYR 18 21 20 TYR TYR A . n 
A 1 19 TYR 19 22 21 TYR TYR A . n 
A 1 20 ALA 20 23 22 ALA ALA A . n 
A 1 21 SER 21 24 23 SER SER A . n 
A 1 22 LEU 22 25 24 LEU LEU A . n 
A 1 23 ARG 23 26 25 ARG ARG A . n 
A 1 24 HIS 24 27 26 HIS HIS A . n 
A 1 25 TYR 25 28 27 TYR TYR A . n 
A 1 26 LEU 26 29 28 LEU LEU A . n 
A 1 27 ASN 27 30 29 ASN ASN A . n 
A 1 28 LEU 28 31 30 LEU LEU A . n 
A 1 29 VAL 29 32 31 VAL VAL A . n 
A 1 30 THR 30 33 32 THR THR A . n 
A 1 31 ARG 31 34 33 ARG ARG A . n 
A 1 32 GLN 32 35 34 GLN GLN A . n 
A 1 33 ARG 33 36 35 ARG ARG A . n 
A 1 34 TYR 34 37 36 TYR TYR A . n 
# 
_pdbx_nonpoly_scheme.asym_id         B 
_pdbx_nonpoly_scheme.entity_id       2 
_pdbx_nonpoly_scheme.mon_id          CNC 
_pdbx_nonpoly_scheme.ndb_seq_num     1 
_pdbx_nonpoly_scheme.pdb_seq_num     101 
_pdbx_nonpoly_scheme.auth_seq_num    40 
_pdbx_nonpoly_scheme.pdb_mon_id      CNC 
_pdbx_nonpoly_scheme.auth_mon_id     CNC 
_pdbx_nonpoly_scheme.pdb_strand_id   A 
_pdbx_nonpoly_scheme.pdb_ins_code    . 
# 
_exptl.absorpt_coefficient_mu     ? 
_exptl.absorpt_correction_T_max   ? 
_exptl.absorpt_correction_T_min   ? 
_exptl.absorpt_correction_type    ? 
_exptl.absorpt_process_details    ? 
_exptl.crystals_number            ? 
_exptl.details                    ? 
_exptl.entry_id                   2NA5 
_exptl.method                     'SOLUTION NMR' 
_exptl.method_details             ? 
# 
_struct.entry_id                  2NA5 
_struct.title                     'NMR solution structure of vitamin B12 conjugates of PYY3-36' 
_struct.pdbx_model_details        'lowest energy, model1' 
_struct.pdbx_CASP_flag            ? 
_struct.pdbx_model_type_details   ? 
# 
_struct_keywords.entry_id        2NA5 
_struct_keywords.pdbx_keywords   HORMONE 
_struct_keywords.text            'vitamin-peptide conjugate, HORMONE' 
# 
loop_
_struct_asym.id 
_struct_asym.pdbx_blank_PDB_chainid_flag 
_struct_asym.pdbx_modified 
_struct_asym.entity_id 
_struct_asym.details 
A N N 1 ? 
B N N 2 ? 
# 
_struct_ref.id                         1 
_struct_ref.db_name                    UNP 
_struct_ref.db_code                    PYY_HUMAN 
_struct_ref.pdbx_db_accession          P10082 
_struct_ref.entity_id                  1 
_struct_ref.pdbx_seq_one_letter_code   IKPEAPREDASPEELNRYYASLRHYLNLVTRQRY 
_struct_ref.pdbx_align_begin           31 
_struct_ref.pdbx_db_isoform            ? 
# 
_struct_ref_seq.align_id                      1 
_struct_ref_seq.ref_id                        1 
_struct_ref_seq.pdbx_PDB_id_code              2NA5 
_struct_ref_seq.pdbx_strand_id                A 
_struct_ref_seq.seq_align_beg                 1 
_struct_ref_seq.pdbx_seq_align_beg_ins_code   ? 
_struct_ref_seq.seq_align_end                 33 
_struct_ref_seq.pdbx_seq_align_end_ins_code   ? 
_struct_ref_seq.pdbx_db_accession             P10082 
_struct_ref_seq.db_align_beg                  31 
_struct_ref_seq.pdbx_db_align_beg_ins_code    ? 
_struct_ref_seq.db_align_end                  64 
_struct_ref_seq.pdbx_db_align_end_ins_code    ? 
_struct_ref_seq.pdbx_auth_seq_align_beg       3 
_struct_ref_seq.pdbx_auth_seq_align_end       36 
# 
_pdbx_struct_assembly.id                   1 
_pdbx_struct_assembly.details              author_defined_assembly 
_pdbx_struct_assembly.method_details       ? 
_pdbx_struct_assembly.oligomeric_details   monomeric 
_pdbx_struct_assembly.oligomeric_count     1 
# 
_pdbx_struct_assembly_gen.assembly_id       1 
_pdbx_struct_assembly_gen.oper_expression   1 
_pdbx_struct_assembly_gen.asym_id_list      A,B 
# 
_pdbx_struct_oper_list.id                   1 
_pdbx_struct_oper_list.type                 'identity operation' 
_pdbx_struct_oper_list.name                 1_555 
_pdbx_struct_oper_list.symmetry_operation   x,y,z 
_pdbx_struct_oper_list.matrix[1][1]         1.0000000000 
_pdbx_struct_oper_list.matrix[1][2]         0.0000000000 
_pdbx_struct_oper_list.matrix[1][3]         0.0000000000 
_pdbx_struct_oper_list.vector[1]            0.0000000000 
_pdbx_struct_oper_list.matrix[2][1]         0.0000000000 
_pdbx_struct_oper_list.matrix[2][2]         1.0000000000 
_pdbx_struct_oper_list.matrix[2][3]         0.0000000000 
_pdbx_struct_oper_list.vector[2]            0.0000000000 
_pdbx_struct_oper_list.matrix[3][1]         0.0000000000 
_pdbx_struct_oper_list.matrix[3][2]         0.0000000000 
_pdbx_struct_oper_list.matrix[3][3]         1.0000000000 
_pdbx_struct_oper_list.vector[3]            0.0000000000 
# 
_struct_biol.id        1 
_struct_biol.details   ? 
# 
_struct_conf.conf_type_id            HELX_P 
_struct_conf.id                      HELX_P1 
_struct_conf.pdbx_PDB_helix_id       1 
_struct_conf.beg_label_comp_id       ALA 
_struct_conf.beg_label_asym_id       A 
_struct_conf.beg_label_seq_id        10 
_struct_conf.pdbx_beg_PDB_ins_code   ? 
_struct_conf.end_label_comp_id       THR 
_struct_conf.end_label_asym_id       A 
_struct_conf.end_label_seq_id        30 
_struct_conf.pdbx_end_PDB_ins_code   ? 
_struct_conf.beg_auth_comp_id        ALA 
_struct_conf.beg_auth_asym_id        A 
_struct_conf.beg_auth_seq_id         13 
_struct_conf.end_auth_comp_id        THR 
_struct_conf.end_auth_asym_id        A 
_struct_conf.end_auth_seq_id         33 
_struct_conf.pdbx_PDB_helix_class    1 
_struct_conf.details                 ? 
_struct_conf.pdbx_PDB_helix_length   21 
# 
_struct_conf_type.id          HELX_P 
_struct_conf_type.criteria    ? 
_struct_conf_type.reference   ? 
# 
loop_
_struct_conn.id 
_struct_conn.conn_type_id 
_struct_conn.pdbx_leaving_atom_flag 
_struct_conn.pdbx_PDB_id 
_struct_conn.ptnr1_label_asym_id 
_struct_conn.ptnr1_label_comp_id 
_struct_conn.ptnr1_label_seq_id 
_struct_conn.ptnr1_label_atom_id 
_struct_conn.pdbx_ptnr1_label_alt_id 
_struct_conn.pdbx_ptnr1_PDB_ins_code 
_struct_conn.pdbx_ptnr1_standard_comp_id 
_struct_conn.ptnr1_symmetry 
_struct_conn.ptnr2_label_asym_id 
_struct_conn.ptnr2_label_comp_id 
_struct_conn.ptnr2_label_seq_id 
_struct_conn.ptnr2_label_atom_id 
_struct_conn.pdbx_ptnr2_label_alt_id 
_struct_conn.pdbx_ptnr2_PDB_ins_code 
_struct_conn.ptnr1_auth_asym_id 
_struct_conn.ptnr1_auth_comp_id 
_struct_conn.ptnr1_auth_seq_id 
_struct_conn.ptnr2_auth_asym_id 
_struct_conn.ptnr2_auth_comp_id 
_struct_conn.ptnr2_auth_seq_id 
_struct_conn.ptnr2_symmetry 
_struct_conn.pdbx_ptnr3_label_atom_id 
_struct_conn.pdbx_ptnr3_label_seq_id 
_struct_conn.pdbx_ptnr3_label_comp_id 
_struct_conn.pdbx_ptnr3_label_asym_id 
_struct_conn.pdbx_ptnr3_label_alt_id 
_struct_conn.pdbx_ptnr3_PDB_ins_code 
_struct_conn.details 
_struct_conn.pdbx_dist_value 
_struct_conn.pdbx_value_order 
_struct_conn.pdbx_role 
covale1 covale both ? A ILE 1 C   ? ? ? 1_555 A 4QK 2 N   ? ? A ILE 3   A 4QK 4   1_555 ? ? ? ? ? ? ? 1.338 ? ? 
covale2 covale both ? A 4QK 2 C   ? ? ? 1_555 A PRO 3 N   ? ? A 4QK 4   A PRO 6   1_555 ? ? ? ? ? ? ? 1.344 ? ? 
covale3 covale one  ? A 4QK 2 NZ2 ? ? ? 1_555 B CNC . C5R ? ? A 4QK 4   A CNC 101 1_555 ? ? ? ? ? ? ? 1.341 ? ? 
metalc1 metalc ?    ? B CNC . N3B ? ? ? 1_555 B CNC . CO  ? ? A CNC 101 A CNC 101 1_555 ? ? ? ? ? ? ? 2.072 ? ? 
# 
loop_
_struct_conn_type.id 
_struct_conn_type.criteria 
_struct_conn_type.reference 
covale ? ? 
metalc ? ? 
# 
loop_
_pdbx_struct_conn_angle.id 
_pdbx_struct_conn_angle.ptnr1_label_atom_id 
_pdbx_struct_conn_angle.ptnr1_label_alt_id 
_pdbx_struct_conn_angle.ptnr1_label_asym_id 
_pdbx_struct_conn_angle.ptnr1_label_comp_id 
_pdbx_struct_conn_angle.ptnr1_label_seq_id 
_pdbx_struct_conn_angle.ptnr1_auth_atom_id 
_pdbx_struct_conn_angle.ptnr1_auth_asym_id 
_pdbx_struct_conn_angle.ptnr1_auth_comp_id 
_pdbx_struct_conn_angle.ptnr1_auth_seq_id 
_pdbx_struct_conn_angle.ptnr1_PDB_ins_code 
_pdbx_struct_conn_angle.ptnr1_symmetry 
_pdbx_struct_conn_angle.ptnr2_label_atom_id 
_pdbx_struct_conn_angle.ptnr2_label_alt_id 
_pdbx_struct_conn_angle.ptnr2_label_asym_id 
_pdbx_struct_conn_angle.ptnr2_label_comp_id 
_pdbx_struct_conn_angle.ptnr2_label_seq_id 
_pdbx_struct_conn_angle.ptnr2_auth_atom_id 
_pdbx_struct_conn_angle.ptnr2_auth_asym_id 
_pdbx_struct_conn_angle.ptnr2_auth_comp_id 
_pdbx_struct_conn_angle.ptnr2_auth_seq_id 
_pdbx_struct_conn_angle.ptnr2_PDB_ins_code 
_pdbx_struct_conn_angle.ptnr2_symmetry 
_pdbx_struct_conn_angle.ptnr3_label_atom_id 
_pdbx_struct_conn_angle.ptnr3_label_alt_id 
_pdbx_struct_conn_angle.ptnr3_label_asym_id 
_pdbx_struct_conn_angle.ptnr3_label_comp_id 
_pdbx_struct_conn_angle.ptnr3_label_seq_id 
_pdbx_struct_conn_angle.ptnr3_auth_atom_id 
_pdbx_struct_conn_angle.ptnr3_auth_asym_id 
_pdbx_struct_conn_angle.ptnr3_auth_comp_id 
_pdbx_struct_conn_angle.ptnr3_auth_seq_id 
_pdbx_struct_conn_angle.ptnr3_PDB_ins_code 
_pdbx_struct_conn_angle.ptnr3_symmetry 
_pdbx_struct_conn_angle.value 
_pdbx_struct_conn_angle.value_esd 
1  N3B ? B CNC . ? A CNC 101 ? 1_555 CO ? B CNC . ? A CNC 101 ? 1_555 N21 ? B CNC . ? A CNC 101 ? 1_555 95.9  ? 
2  N3B ? B CNC . ? A CNC 101 ? 1_555 CO ? B CNC . ? A CNC 101 ? 1_555 N22 ? B CNC . ? A CNC 101 ? 1_555 91.1  ? 
3  N21 ? B CNC . ? A CNC 101 ? 1_555 CO ? B CNC . ? A CNC 101 ? 1_555 N22 ? B CNC . ? A CNC 101 ? 1_555 89.9  ? 
4  N3B ? B CNC . ? A CNC 101 ? 1_555 CO ? B CNC . ? A CNC 101 ? 1_555 N23 ? B CNC . ? A CNC 101 ? 1_555 84.4  ? 
5  N21 ? B CNC . ? A CNC 101 ? 1_555 CO ? B CNC . ? A CNC 101 ? 1_555 N23 ? B CNC . ? A CNC 101 ? 1_555 173.9 ? 
6  N22 ? B CNC . ? A CNC 101 ? 1_555 CO ? B CNC . ? A CNC 101 ? 1_555 N23 ? B CNC . ? A CNC 101 ? 1_555 96.2  ? 
7  N3B ? B CNC . ? A CNC 101 ? 1_555 CO ? B CNC . ? A CNC 101 ? 1_555 N24 ? B CNC . ? A CNC 101 ? 1_555 96.1  ? 
8  N21 ? B CNC . ? A CNC 101 ? 1_555 CO ? B CNC . ? A CNC 101 ? 1_555 N24 ? B CNC . ? A CNC 101 ? 1_555 84.5  ? 
9  N22 ? B CNC . ? A CNC 101 ? 1_555 CO ? B CNC . ? A CNC 101 ? 1_555 N24 ? B CNC . ? A CNC 101 ? 1_555 171.3 ? 
10 N23 ? B CNC . ? A CNC 101 ? 1_555 CO ? B CNC . ? A CNC 101 ? 1_555 N24 ? B CNC . ? A CNC 101 ? 1_555 89.4  ? 
11 N3B ? B CNC . ? A CNC 101 ? 1_555 CO ? B CNC . ? A CNC 101 ? 1_555 C1A ? B CNC . ? A CNC 101 ? 1_555 166.7 ? 
12 N21 ? B CNC . ? A CNC 101 ? 1_555 CO ? B CNC . ? A CNC 101 ? 1_555 C1A ? B CNC . ? A CNC 101 ? 1_555 95.8  ? 
13 N22 ? B CNC . ? A CNC 101 ? 1_555 CO ? B CNC . ? A CNC 101 ? 1_555 C1A ? B CNC . ? A CNC 101 ? 1_555 82.5  ? 
14 N23 ? B CNC . ? A CNC 101 ? 1_555 CO ? B CNC . ? A CNC 101 ? 1_555 C1A ? B CNC . ? A CNC 101 ? 1_555 84.7  ? 
15 N24 ? B CNC . ? A CNC 101 ? 1_555 CO ? B CNC . ? A CNC 101 ? 1_555 C1A ? B CNC . ? A CNC 101 ? 1_555 91.4  ? 
# 
loop_
_pdbx_modification_feature.ordinal 
_pdbx_modification_feature.label_comp_id 
_pdbx_modification_feature.label_asym_id 
_pdbx_modification_feature.label_seq_id 
_pdbx_modification_feature.label_alt_id 
_pdbx_modification_feature.modified_residue_label_comp_id 
_pdbx_modification_feature.modified_residue_label_asym_id 
_pdbx_modification_feature.modified_residue_label_seq_id 
_pdbx_modification_feature.modified_residue_label_alt_id 
_pdbx_modification_feature.auth_comp_id 
_pdbx_modification_feature.auth_asym_id 
_pdbx_modification_feature.auth_seq_id 
_pdbx_modification_feature.PDB_ins_code 
_pdbx_modification_feature.symmetry 
_pdbx_modification_feature.modified_residue_auth_comp_id 
_pdbx_modification_feature.modified_residue_auth_asym_id 
_pdbx_modification_feature.modified_residue_auth_seq_id 
_pdbx_modification_feature.modified_residue_PDB_ins_code 
_pdbx_modification_feature.modified_residue_symmetry 
_pdbx_modification_feature.comp_id_linking_atom 
_pdbx_modification_feature.modified_residue_id_linking_atom 
_pdbx_modification_feature.modified_residue_id 
_pdbx_modification_feature.ref_pcm_id 
_pdbx_modification_feature.ref_comp_id 
_pdbx_modification_feature.type 
_pdbx_modification_feature.category 
1 4QK A 2 ? .   . . . 4QK A 4   ? 1_555 .   . . . .     .   .   ?   1 4QK None 'Non-standard residue'           
2 CNC B . ? 4QK A 2 ? CNC A 101 ? 1_555 4QK A 4 ? 1_555 C5R NZ2 4QK 1 CNC None 'Covalent chemical modification' 
# 
_struct_site.id                   AC1 
_struct_site.pdbx_evidence_code   Software 
_struct_site.pdbx_auth_asym_id    A 
_struct_site.pdbx_auth_comp_id    CNC 
_struct_site.pdbx_auth_seq_id     101 
_struct_site.pdbx_auth_ins_code   ? 
_struct_site.pdbx_num_residues    7 
_struct_site.details              'BINDING SITE FOR RESIDUE CNC A 101' 
# 
loop_
_struct_site_gen.id 
_struct_site_gen.site_id 
_struct_site_gen.pdbx_num_res 
_struct_site_gen.label_comp_id 
_struct_site_gen.label_asym_id 
_struct_site_gen.label_seq_id 
_struct_site_gen.pdbx_auth_ins_code 
_struct_site_gen.auth_comp_id 
_struct_site_gen.auth_asym_id 
_struct_site_gen.auth_seq_id 
_struct_site_gen.label_atom_id 
_struct_site_gen.label_alt_id 
_struct_site_gen.symmetry 
_struct_site_gen.details 
1 AC1 7 4QK A 2  ? 4QK A 4  . ? 1_555 ? 
2 AC1 7 ALA A 5  ? ALA A 8  . ? 1_555 ? 
3 AC1 7 PRO A 6  ? PRO A 9  . ? 1_555 ? 
4 AC1 7 GLY A 7  ? GLY A 10 . ? 1_555 ? 
5 AC1 7 SER A 11 ? SER A 14 . ? 1_555 ? 
6 AC1 7 LEU A 15 ? LEU A 18 . ? 1_555 ? 
7 AC1 7 TYR A 18 ? TYR A 21 . ? 1_555 ? 
# 
_pdbx_entry_details.entry_id                   2NA5 
_pdbx_entry_details.nonpolymer_details         
;THE DEPOSITORS STATE THAT WHILE ACTUALLY COVALENTLY LINKED BETWEEN THE VITAMIN B12 AND PYY3-36, THIS ENTRY DISPLAYS THE SYSTEM SEPARATED BETWEEN NZ2 AND C5R TO PRODUCE A SMALLER MODIFIED LYS AND AN ACIDIC VITAMIN B12 IN ACCORDANCE WITH PDB ANNOTATION POLICIES.
;
_pdbx_entry_details.sequence_details           ? 
_pdbx_entry_details.compound_details           ? 
_pdbx_entry_details.source_details             ? 
_pdbx_entry_details.has_ligand_of_interest     ? 
_pdbx_entry_details.has_protein_modification   Y 
# 
loop_
_pdbx_validate_torsion.id 
_pdbx_validate_torsion.PDB_model_num 
_pdbx_validate_torsion.auth_comp_id 
_pdbx_validate_torsion.auth_asym_id 
_pdbx_validate_torsion.auth_seq_id 
_pdbx_validate_torsion.PDB_ins_code 
_pdbx_validate_torsion.label_alt_id 
_pdbx_validate_torsion.phi 
_pdbx_validate_torsion.psi 
1 1 4QK A 4  ? ? -161.43 111.17  
2 1 PRO A 6  ? ? -81.99  -159.49 
3 1 PRO A 9  ? ? -81.03  -152.76 
4 1 ASP A 12 ? ? -109.47 -77.13  
# 
_pdbx_validate_chiral.id              1 
_pdbx_validate_chiral.PDB_model_num   1 
_pdbx_validate_chiral.auth_atom_id    N24 
_pdbx_validate_chiral.label_alt_id    ? 
_pdbx_validate_chiral.auth_asym_id    A 
_pdbx_validate_chiral.auth_comp_id    CNC 
_pdbx_validate_chiral.auth_seq_id     101 
_pdbx_validate_chiral.PDB_ins_code    ? 
_pdbx_validate_chiral.details         PLANAR 
_pdbx_validate_chiral.omega           . 
# 
loop_
_pdbx_validate_planes.id 
_pdbx_validate_planes.PDB_model_num 
_pdbx_validate_planes.auth_comp_id 
_pdbx_validate_planes.auth_asym_id 
_pdbx_validate_planes.auth_seq_id 
_pdbx_validate_planes.PDB_ins_code 
_pdbx_validate_planes.label_alt_id 
_pdbx_validate_planes.rmsd 
_pdbx_validate_planes.type 
1 1 TYR A 21 ? ? 0.114 'SIDE CHAIN' 
2 1 TYR A 22 ? ? 0.060 'SIDE CHAIN' 
3 1 TYR A 28 ? ? 0.153 'SIDE CHAIN' 
# 
_pdbx_validate_main_chain_plane.id                       1 
_pdbx_validate_main_chain_plane.PDB_model_num            1 
_pdbx_validate_main_chain_plane.auth_comp_id             ARG 
_pdbx_validate_main_chain_plane.auth_asym_id             A 
_pdbx_validate_main_chain_plane.auth_seq_id              34 
_pdbx_validate_main_chain_plane.PDB_ins_code             ? 
_pdbx_validate_main_chain_plane.label_alt_id             ? 
_pdbx_validate_main_chain_plane.improper_torsion_angle   12.25 
# 
_pdbx_nmr_ensemble.average_constraint_violations_per_residue     ? 
_pdbx_nmr_ensemble.average_constraints_per_residue               ? 
_pdbx_nmr_ensemble.average_distance_constraint_violation         ? 
_pdbx_nmr_ensemble.average_torsion_angle_constraint_violation    ? 
_pdbx_nmr_ensemble.conformer_selection_criteria                  'structures with the lowest energy' 
_pdbx_nmr_ensemble.conformers_calculated_total_number            4 
_pdbx_nmr_ensemble.conformers_submitted_total_number             1 
_pdbx_nmr_ensemble.distance_constraint_violation_method          ? 
_pdbx_nmr_ensemble.entry_id                                      2NA5 
_pdbx_nmr_ensemble.maximum_distance_constraint_violation         ? 
_pdbx_nmr_ensemble.maximum_lower_distance_constraint_violation   ? 
_pdbx_nmr_ensemble.maximum_torsion_angle_constraint_violation    ? 
_pdbx_nmr_ensemble.maximum_upper_distance_constraint_violation   ? 
_pdbx_nmr_ensemble.torsion_angle_constraint_violation_method     ? 
# 
_pdbx_nmr_representative.conformer_id         1 
_pdbx_nmr_representative.entry_id             2NA5 
_pdbx_nmr_representative.selection_criteria   'lowest energy' 
# 
_pdbx_nmr_sample_details.contents         '1 mM vitamin B12 conjugate of PYY3, 90% H2O, 10% D2O' 
_pdbx_nmr_sample_details.solution_id      1 
_pdbx_nmr_sample_details.solvent_system   '90% H2O/10% D2O' 
# 
_pdbx_nmr_exptl_sample.component             'vitamin B12 conjugate of PYY3-36-1' 
_pdbx_nmr_exptl_sample.concentration         1 
_pdbx_nmr_exptl_sample.concentration_range   ? 
_pdbx_nmr_exptl_sample.concentration_units   mM 
_pdbx_nmr_exptl_sample.isotopic_labeling     ? 
_pdbx_nmr_exptl_sample.solution_id           1 
# 
_pdbx_nmr_exptl_sample_conditions.conditions_id       1 
_pdbx_nmr_exptl_sample_conditions.ionic_strength      ? 
_pdbx_nmr_exptl_sample_conditions.pH                  5.5 
_pdbx_nmr_exptl_sample_conditions.pressure            ? 
_pdbx_nmr_exptl_sample_conditions.pressure_units      ? 
_pdbx_nmr_exptl_sample_conditions.temperature         298 
_pdbx_nmr_exptl_sample_conditions.temperature_units   K 
# 
loop_
_pdbx_nmr_exptl.conditions_id 
_pdbx_nmr_exptl.experiment_id 
_pdbx_nmr_exptl.solution_id 
_pdbx_nmr_exptl.type 
1 1 1 NOESY            
1 2 1 '2D 1H-1H TOCSY' 
1 3 1 '2D DQF-COSY'    
# 
_pdbx_nmr_constraints.disulfide_bond_constraints_total_count        ? 
_pdbx_nmr_constraints.entry_id                                      2NA5 
_pdbx_nmr_constraints.hydrogen_bond_constraints_total_count         ? 
_pdbx_nmr_constraints.NA_alpha-angle_constraints_total_count        ? 
_pdbx_nmr_constraints.NA_beta-angle_constraints_total_count         ? 
_pdbx_nmr_constraints.NA_chi-angle_constraints_total_count          ? 
_pdbx_nmr_constraints.NA_delta-angle_constraints_total_count        ? 
_pdbx_nmr_constraints.NA_epsilon-angle_constraints_total_count      ? 
_pdbx_nmr_constraints.NA_gamma-angle_constraints_total_count        ? 
_pdbx_nmr_constraints.NA_other-angle_constraints_total_count        ? 
_pdbx_nmr_constraints.NA_sugar_pucker_constraints_total_count       ? 
_pdbx_nmr_constraints.NOE_constraints_total                         179 
_pdbx_nmr_constraints.NOE_interentity_total_count                   ? 
_pdbx_nmr_constraints.NOE_interproton_distance_evaluation           ? 
_pdbx_nmr_constraints.NOE_intraresidue_total_count                  104 
_pdbx_nmr_constraints.NOE_long_range_total_count                    5 
_pdbx_nmr_constraints.NOE_medium_range_total_count                  23 
_pdbx_nmr_constraints.NOE_motional_averaging_correction             ? 
_pdbx_nmr_constraints.NOE_pseudoatom_corrections                    ? 
_pdbx_nmr_constraints.NOE_sequential_total_count                    46 
_pdbx_nmr_constraints.protein_chi_angle_constraints_total_count     ? 
_pdbx_nmr_constraints.protein_other_angle_constraints_total_count   ? 
_pdbx_nmr_constraints.protein_phi_angle_constraints_total_count     ? 
_pdbx_nmr_constraints.protein_psi_angle_constraints_total_count     ? 
# 
_pdbx_nmr_refine.entry_id           2NA5 
_pdbx_nmr_refine.method             'molecular dynamics' 
_pdbx_nmr_refine.details            
;2D NOE cross peaks were categorized as strong, medium, or weak and distance constraints were set to 1.8 to 3.5A, 1.8 to 4.5A and 1.8 to 6.0A.
;
_pdbx_nmr_refine.software_ordinal   1 
# 
loop_
_pdbx_nmr_software.authors 
_pdbx_nmr_software.classification 
_pdbx_nmr_software.name 
_pdbx_nmr_software.version 
_pdbx_nmr_software.ordinal 
'Bruker Biospin' collection                   TopSpin  1.3 1 
'Bruker Biospin' 'chemical shift calculation' TopSpin  1.3 2 
'Bruker Biospin' 'chemical shift assignment'  TopSpin  1.3 3 
'Schwede et al.' refinement                   GROMOS96 ?   4 
# 
loop_
_chem_comp_atom.comp_id 
_chem_comp_atom.atom_id 
_chem_comp_atom.type_symbol 
_chem_comp_atom.pdbx_aromatic_flag 
_chem_comp_atom.pdbx_stereo_config 
_chem_comp_atom.pdbx_ordinal 
4QK N    N  N N 1   
4QK CA   C  N S 2   
4QK CB   C  N N 3   
4QK CG   C  N N 4   
4QK CD   C  N N 5   
4QK CE   C  N N 6   
4QK C    C  N N 7   
4QK O    O  N N 8   
4QK CZ   C  N N 9   
4QK CY   C  N N 10  
4QK CT1  C  Y N 11  
4QK CT2  C  Y N 12  
4QK NT1  N  Y N 13  
4QK NT2  N  Y N 14  
4QK NT3  N  Y N 15  
4QK NZ2  N  N N 16  
4QK H    H  N N 17  
4QK H2   H  N N 18  
4QK HA   H  N N 19  
4QK HC36 H  N N 20  
4QK HC35 H  N N 21  
4QK HC38 H  N N 22  
4QK HC37 H  N N 23  
4QK HC40 H  N N 24  
4QK HC39 H  N N 25  
4QK HC42 H  N N 26  
4QK HC41 H  N N 27  
4QK HC44 H  N N 28  
4QK HC43 H  N N 29  
4QK HC46 H  N N 30  
4QK HC45 H  N N 31  
4QK HC47 H  N N 32  
4QK HZ2  H  N N 33  
4QK H4   H  N N 34  
4QK OXT  O  N N 35  
4QK HXT  H  N N 36  
ALA N    N  N N 37  
ALA CA   C  N S 38  
ALA C    C  N N 39  
ALA O    O  N N 40  
ALA CB   C  N N 41  
ALA OXT  O  N N 42  
ALA H    H  N N 43  
ALA H2   H  N N 44  
ALA HA   H  N N 45  
ALA HB1  H  N N 46  
ALA HB2  H  N N 47  
ALA HB3  H  N N 48  
ALA HXT  H  N N 49  
ARG N    N  N N 50  
ARG CA   C  N S 51  
ARG C    C  N N 52  
ARG O    O  N N 53  
ARG CB   C  N N 54  
ARG CG   C  N N 55  
ARG CD   C  N N 56  
ARG NE   N  N N 57  
ARG CZ   C  N N 58  
ARG NH1  N  N N 59  
ARG NH2  N  N N 60  
ARG OXT  O  N N 61  
ARG H    H  N N 62  
ARG H2   H  N N 63  
ARG HA   H  N N 64  
ARG HB2  H  N N 65  
ARG HB3  H  N N 66  
ARG HG2  H  N N 67  
ARG HG3  H  N N 68  
ARG HD2  H  N N 69  
ARG HD3  H  N N 70  
ARG HE   H  N N 71  
ARG HH11 H  N N 72  
ARG HH12 H  N N 73  
ARG HH21 H  N N 74  
ARG HH22 H  N N 75  
ARG HXT  H  N N 76  
ASN N    N  N N 77  
ASN CA   C  N S 78  
ASN C    C  N N 79  
ASN O    O  N N 80  
ASN CB   C  N N 81  
ASN CG   C  N N 82  
ASN OD1  O  N N 83  
ASN ND2  N  N N 84  
ASN OXT  O  N N 85  
ASN H    H  N N 86  
ASN H2   H  N N 87  
ASN HA   H  N N 88  
ASN HB2  H  N N 89  
ASN HB3  H  N N 90  
ASN HD21 H  N N 91  
ASN HD22 H  N N 92  
ASN HXT  H  N N 93  
ASP N    N  N N 94  
ASP CA   C  N S 95  
ASP C    C  N N 96  
ASP O    O  N N 97  
ASP CB   C  N N 98  
ASP CG   C  N N 99  
ASP OD1  O  N N 100 
ASP OD2  O  N N 101 
ASP OXT  O  N N 102 
ASP H    H  N N 103 
ASP H2   H  N N 104 
ASP HA   H  N N 105 
ASP HB2  H  N N 106 
ASP HB3  H  N N 107 
ASP HD2  H  N N 108 
ASP HXT  H  N N 109 
CNC CO   CO N N 110 
CNC N21  N  N N 111 
CNC N22  N  N N 112 
CNC N23  N  N N 113 
CNC N24  N  N R 114 
CNC C1   C  N R 115 
CNC C20  C  N N 116 
CNC C2   C  N S 117 
CNC C25  C  N N 118 
CNC C26  C  N N 119 
CNC C27  C  N N 120 
CNC O28  O  N N 121 
CNC N29  N  N N 122 
CNC C3   C  N S 123 
CNC C30  C  N N 124 
CNC C31  C  N N 125 
CNC C32  C  N N 126 
CNC O34  O  N N 127 
CNC N33  N  N N 128 
CNC C4   C  N N 129 
CNC C5   C  N N 130 
CNC C35  C  N N 131 
CNC C6   C  N N 132 
CNC C7   C  N S 133 
CNC C36  C  N N 134 
CNC C37  C  N N 135 
CNC C38  C  N N 136 
CNC O39  O  N N 137 
CNC N40  N  N N 138 
CNC C8   C  N S 139 
CNC C41  C  N N 140 
CNC C42  C  N N 141 
CNC C43  C  N N 142 
CNC O44  O  N N 143 
CNC N45  N  N N 144 
CNC C9   C  N N 145 
CNC C10  C  N N 146 
CNC C11  C  N N 147 
CNC C12  C  N N 148 
CNC C46  C  N N 149 
CNC C47  C  N N 150 
CNC C13  C  N S 151 
CNC C48  C  N N 152 
CNC C49  C  N N 153 
CNC C50  C  N N 154 
CNC O51  O  N N 155 
CNC N52  N  N N 156 
CNC C14  C  N N 157 
CNC C15  C  N N 158 
CNC C53  C  N N 159 
CNC C16  C  N N 160 
CNC C17  C  N R 161 
CNC C54  C  N N 162 
CNC C55  C  N N 163 
CNC C56  C  N N 164 
CNC C57  C  N N 165 
CNC O58  O  N N 166 
CNC N59  N  N N 167 
CNC C18  C  N R 168 
CNC C60  C  N N 169 
CNC C61  C  N N 170 
CNC O63  O  N N 171 
CNC N62  N  N N 172 
CNC C19  C  N R 173 
CNC C1P  C  N N 174 
CNC C2P  C  N R 175 
CNC C3P  C  N N 176 
CNC O3   O  N N 177 
CNC O4   O  N N 178 
CNC O5   O  N N 179 
CNC P    P  N N 180 
CNC O2   O  N N 181 
CNC C3R  C  N S 182 
CNC C2R  C  N R 183 
CNC O7R  O  N N 184 
CNC C1R  C  N S 185 
CNC O6R  O  N N 186 
CNC C4R  C  N R 187 
CNC C5R  C  N N 188 
CNC O8R  O  N N 189 
CNC N1B  N  Y N 190 
CNC C8B  C  Y N 191 
CNC C2B  C  Y N 192 
CNC N3B  N  Y N 193 
CNC C9B  C  Y N 194 
CNC C4B  C  Y N 195 
CNC C5B  C  Y N 196 
CNC C5M  C  N N 197 
CNC C6B  C  Y N 198 
CNC C6M  C  N N 199 
CNC C7B  C  Y N 200 
CNC N1A  N  N N 201 
CNC C1A  C  N N 202 
CNC H201 H  N N 203 
CNC H202 H  N N 204 
CNC H203 H  N N 205 
CNC H251 H  N N 206 
CNC H252 H  N N 207 
CNC H253 H  N N 208 
CNC H261 H  N N 209 
CNC H262 H  N N 210 
CNC H291 H  N N 211 
CNC H292 H  N N 212 
CNC H3   H  N N 213 
CNC H301 H  N N 214 
CNC H302 H  N N 215 
CNC H311 H  N N 216 
CNC H312 H  N N 217 
CNC H331 H  N N 218 
CNC H332 H  N N 219 
CNC H351 H  N N 220 
CNC H352 H  N N 221 
CNC H353 H  N N 222 
CNC H361 H  N N 223 
CNC H362 H  N N 224 
CNC H363 H  N N 225 
CNC H371 H  N N 226 
CNC H372 H  N N 227 
CNC H401 H  N N 228 
CNC H402 H  N N 229 
CNC H8   H  N N 230 
CNC H411 H  N N 231 
CNC H412 H  N N 232 
CNC H421 H  N N 233 
CNC H422 H  N N 234 
CNC H451 H  N N 235 
CNC H452 H  N N 236 
CNC H10  H  N N 237 
CNC H461 H  N N 238 
CNC H462 H  N N 239 
CNC H463 H  N N 240 
CNC H471 H  N N 241 
CNC H472 H  N N 242 
CNC H473 H  N N 243 
CNC H13  H  N N 244 
CNC H481 H  N N 245 
CNC H482 H  N N 246 
CNC H491 H  N N 247 
CNC H492 H  N N 248 
CNC H521 H  N N 249 
CNC H522 H  N N 250 
CNC H531 H  N N 251 
CNC H532 H  N N 252 
CNC H533 H  N N 253 
CNC H541 H  N N 254 
CNC H542 H  N N 255 
CNC H543 H  N N 256 
CNC H551 H  N N 257 
CNC H552 H  N N 258 
CNC H561 H  N N 259 
CNC H562 H  N N 260 
CNC H59  H  N N 261 
CNC H18  H  N N 262 
CNC H601 H  N N 263 
CNC H602 H  N N 264 
CNC H621 H  N N 265 
CNC H622 H  N N 266 
CNC H1P1 H  N N 267 
CNC H1P2 H  N N 268 
CNC H2P  H  N N 269 
CNC H3P1 H  N N 270 
CNC H3P2 H  N N 271 
CNC H3P3 H  N N 272 
CNC HOP5 H  N N 273 
CNC H3R  H  N N 274 
CNC H2R  H  N N 275 
CNC HOR7 H  N N 276 
CNC H1R  H  N N 277 
CNC H4R  H  N N 278 
CNC H5R1 H  N N 279 
CNC H5R2 H  N N 280 
CNC HOR8 H  N N 281 
CNC H2B  H  N N 282 
CNC H4B  H  N N 283 
CNC HM51 H  N N 284 
CNC HM52 H  N N 285 
CNC HM53 H  N N 286 
CNC HM61 H  N N 287 
CNC HM62 H  N N 288 
CNC HM63 H  N N 289 
CNC H7B  H  N N 290 
CNC H1   H  N N 291 
GLN N    N  N N 292 
GLN CA   C  N S 293 
GLN C    C  N N 294 
GLN O    O  N N 295 
GLN CB   C  N N 296 
GLN CG   C  N N 297 
GLN CD   C  N N 298 
GLN OE1  O  N N 299 
GLN NE2  N  N N 300 
GLN OXT  O  N N 301 
GLN H    H  N N 302 
GLN H2   H  N N 303 
GLN HA   H  N N 304 
GLN HB2  H  N N 305 
GLN HB3  H  N N 306 
GLN HG2  H  N N 307 
GLN HG3  H  N N 308 
GLN HE21 H  N N 309 
GLN HE22 H  N N 310 
GLN HXT  H  N N 311 
GLU N    N  N N 312 
GLU CA   C  N S 313 
GLU C    C  N N 314 
GLU O    O  N N 315 
GLU CB   C  N N 316 
GLU CG   C  N N 317 
GLU CD   C  N N 318 
GLU OE1  O  N N 319 
GLU OE2  O  N N 320 
GLU OXT  O  N N 321 
GLU H    H  N N 322 
GLU H2   H  N N 323 
GLU HA   H  N N 324 
GLU HB2  H  N N 325 
GLU HB3  H  N N 326 
GLU HG2  H  N N 327 
GLU HG3  H  N N 328 
GLU HE2  H  N N 329 
GLU HXT  H  N N 330 
GLY N    N  N N 331 
GLY CA   C  N N 332 
GLY C    C  N N 333 
GLY O    O  N N 334 
GLY OXT  O  N N 335 
GLY H    H  N N 336 
GLY H2   H  N N 337 
GLY HA2  H  N N 338 
GLY HA3  H  N N 339 
GLY HXT  H  N N 340 
HIS N    N  N N 341 
HIS CA   C  N S 342 
HIS C    C  N N 343 
HIS O    O  N N 344 
HIS CB   C  N N 345 
HIS CG   C  Y N 346 
HIS ND1  N  Y N 347 
HIS CD2  C  Y N 348 
HIS CE1  C  Y N 349 
HIS NE2  N  Y N 350 
HIS OXT  O  N N 351 
HIS H    H  N N 352 
HIS H2   H  N N 353 
HIS HA   H  N N 354 
HIS HB2  H  N N 355 
HIS HB3  H  N N 356 
HIS HD1  H  N N 357 
HIS HD2  H  N N 358 
HIS HE1  H  N N 359 
HIS HE2  H  N N 360 
HIS HXT  H  N N 361 
ILE N    N  N N 362 
ILE CA   C  N S 363 
ILE C    C  N N 364 
ILE O    O  N N 365 
ILE CB   C  N S 366 
ILE CG1  C  N N 367 
ILE CG2  C  N N 368 
ILE CD1  C  N N 369 
ILE OXT  O  N N 370 
ILE H    H  N N 371 
ILE H2   H  N N 372 
ILE HA   H  N N 373 
ILE HB   H  N N 374 
ILE HG12 H  N N 375 
ILE HG13 H  N N 376 
ILE HG21 H  N N 377 
ILE HG22 H  N N 378 
ILE HG23 H  N N 379 
ILE HD11 H  N N 380 
ILE HD12 H  N N 381 
ILE HD13 H  N N 382 
ILE HXT  H  N N 383 
LEU N    N  N N 384 
LEU CA   C  N S 385 
LEU C    C  N N 386 
LEU O    O  N N 387 
LEU CB   C  N N 388 
LEU CG   C  N N 389 
LEU CD1  C  N N 390 
LEU CD2  C  N N 391 
LEU OXT  O  N N 392 
LEU H    H  N N 393 
LEU H2   H  N N 394 
LEU HA   H  N N 395 
LEU HB2  H  N N 396 
LEU HB3  H  N N 397 
LEU HG   H  N N 398 
LEU HD11 H  N N 399 
LEU HD12 H  N N 400 
LEU HD13 H  N N 401 
LEU HD21 H  N N 402 
LEU HD22 H  N N 403 
LEU HD23 H  N N 404 
LEU HXT  H  N N 405 
PRO N    N  N N 406 
PRO CA   C  N S 407 
PRO C    C  N N 408 
PRO O    O  N N 409 
PRO CB   C  N N 410 
PRO CG   C  N N 411 
PRO CD   C  N N 412 
PRO OXT  O  N N 413 
PRO H    H  N N 414 
PRO HA   H  N N 415 
PRO HB2  H  N N 416 
PRO HB3  H  N N 417 
PRO HG2  H  N N 418 
PRO HG3  H  N N 419 
PRO HD2  H  N N 420 
PRO HD3  H  N N 421 
PRO HXT  H  N N 422 
SER N    N  N N 423 
SER CA   C  N S 424 
SER C    C  N N 425 
SER O    O  N N 426 
SER CB   C  N N 427 
SER OG   O  N N 428 
SER OXT  O  N N 429 
SER H    H  N N 430 
SER H2   H  N N 431 
SER HA   H  N N 432 
SER HB2  H  N N 433 
SER HB3  H  N N 434 
SER HG   H  N N 435 
SER HXT  H  N N 436 
THR N    N  N N 437 
THR CA   C  N S 438 
THR C    C  N N 439 
THR O    O  N N 440 
THR CB   C  N R 441 
THR OG1  O  N N 442 
THR CG2  C  N N 443 
THR OXT  O  N N 444 
THR H    H  N N 445 
THR H2   H  N N 446 
THR HA   H  N N 447 
THR HB   H  N N 448 
THR HG1  H  N N 449 
THR HG21 H  N N 450 
THR HG22 H  N N 451 
THR HG23 H  N N 452 
THR HXT  H  N N 453 
TYR N    N  N N 454 
TYR CA   C  N S 455 
TYR C    C  N N 456 
TYR O    O  N N 457 
TYR CB   C  N N 458 
TYR CG   C  Y N 459 
TYR CD1  C  Y N 460 
TYR CD2  C  Y N 461 
TYR CE1  C  Y N 462 
TYR CE2  C  Y N 463 
TYR CZ   C  Y N 464 
TYR OH   O  N N 465 
TYR OXT  O  N N 466 
TYR H    H  N N 467 
TYR H2   H  N N 468 
TYR HA   H  N N 469 
TYR HB2  H  N N 470 
TYR HB3  H  N N 471 
TYR HD1  H  N N 472 
TYR HD2  H  N N 473 
TYR HE1  H  N N 474 
TYR HE2  H  N N 475 
TYR HH   H  N N 476 
TYR HXT  H  N N 477 
VAL N    N  N N 478 
VAL CA   C  N S 479 
VAL C    C  N N 480 
VAL O    O  N N 481 
VAL CB   C  N N 482 
VAL CG1  C  N N 483 
VAL CG2  C  N N 484 
VAL OXT  O  N N 485 
VAL H    H  N N 486 
VAL H2   H  N N 487 
VAL HA   H  N N 488 
VAL HB   H  N N 489 
VAL HG11 H  N N 490 
VAL HG12 H  N N 491 
VAL HG13 H  N N 492 
VAL HG21 H  N N 493 
VAL HG22 H  N N 494 
VAL HG23 H  N N 495 
VAL HXT  H  N N 496 
# 
loop_
_chem_comp_bond.comp_id 
_chem_comp_bond.atom_id_1 
_chem_comp_bond.atom_id_2 
_chem_comp_bond.value_order 
_chem_comp_bond.pdbx_aromatic_flag 
_chem_comp_bond.pdbx_stereo_config 
_chem_comp_bond.pdbx_ordinal 
4QK O   C    doub N N 1   
4QK C   CA   sing N N 2   
4QK CA  N    sing N N 3   
4QK CA  CB   sing N N 4   
4QK CB  CG   sing N N 5   
4QK CG  CD   sing N N 6   
4QK CD  CE   sing N N 7   
4QK CE  NT1  sing N N 8   
4QK NT2 NT1  sing Y N 9   
4QK NT2 NT3  doub Y N 10  
4QK NT1 CT2  sing Y N 11  
4QK NT3 CT1  sing Y N 12  
4QK CT2 CT1  doub Y N 13  
4QK CT1 CY   sing N N 14  
4QK NZ2 CZ   sing N N 15  
4QK CY  CZ   sing N N 16  
4QK N   H    sing N N 17  
4QK N   H2   sing N N 18  
4QK CA  HA   sing N N 19  
4QK CB  HC36 sing N N 20  
4QK CB  HC35 sing N N 21  
4QK CG  HC38 sing N N 22  
4QK CG  HC37 sing N N 23  
4QK CD  HC40 sing N N 24  
4QK CD  HC39 sing N N 25  
4QK CE  HC42 sing N N 26  
4QK CE  HC41 sing N N 27  
4QK CZ  HC44 sing N N 28  
4QK CZ  HC43 sing N N 29  
4QK CY  HC46 sing N N 30  
4QK CY  HC45 sing N N 31  
4QK CT2 HC47 sing N N 32  
4QK NZ2 HZ2  sing N N 33  
4QK NZ2 H4   sing N N 34  
4QK C   OXT  sing N N 35  
4QK OXT HXT  sing N N 36  
ALA N   CA   sing N N 37  
ALA N   H    sing N N 38  
ALA N   H2   sing N N 39  
ALA CA  C    sing N N 40  
ALA CA  CB   sing N N 41  
ALA CA  HA   sing N N 42  
ALA C   O    doub N N 43  
ALA C   OXT  sing N N 44  
ALA CB  HB1  sing N N 45  
ALA CB  HB2  sing N N 46  
ALA CB  HB3  sing N N 47  
ALA OXT HXT  sing N N 48  
ARG N   CA   sing N N 49  
ARG N   H    sing N N 50  
ARG N   H2   sing N N 51  
ARG CA  C    sing N N 52  
ARG CA  CB   sing N N 53  
ARG CA  HA   sing N N 54  
ARG C   O    doub N N 55  
ARG C   OXT  sing N N 56  
ARG CB  CG   sing N N 57  
ARG CB  HB2  sing N N 58  
ARG CB  HB3  sing N N 59  
ARG CG  CD   sing N N 60  
ARG CG  HG2  sing N N 61  
ARG CG  HG3  sing N N 62  
ARG CD  NE   sing N N 63  
ARG CD  HD2  sing N N 64  
ARG CD  HD3  sing N N 65  
ARG NE  CZ   sing N N 66  
ARG NE  HE   sing N N 67  
ARG CZ  NH1  sing N N 68  
ARG CZ  NH2  doub N N 69  
ARG NH1 HH11 sing N N 70  
ARG NH1 HH12 sing N N 71  
ARG NH2 HH21 sing N N 72  
ARG NH2 HH22 sing N N 73  
ARG OXT HXT  sing N N 74  
ASN N   CA   sing N N 75  
ASN N   H    sing N N 76  
ASN N   H2   sing N N 77  
ASN CA  C    sing N N 78  
ASN CA  CB   sing N N 79  
ASN CA  HA   sing N N 80  
ASN C   O    doub N N 81  
ASN C   OXT  sing N N 82  
ASN CB  CG   sing N N 83  
ASN CB  HB2  sing N N 84  
ASN CB  HB3  sing N N 85  
ASN CG  OD1  doub N N 86  
ASN CG  ND2  sing N N 87  
ASN ND2 HD21 sing N N 88  
ASN ND2 HD22 sing N N 89  
ASN OXT HXT  sing N N 90  
ASP N   CA   sing N N 91  
ASP N   H    sing N N 92  
ASP N   H2   sing N N 93  
ASP CA  C    sing N N 94  
ASP CA  CB   sing N N 95  
ASP CA  HA   sing N N 96  
ASP C   O    doub N N 97  
ASP C   OXT  sing N N 98  
ASP CB  CG   sing N N 99  
ASP CB  HB2  sing N N 100 
ASP CB  HB3  sing N N 101 
ASP CG  OD1  doub N N 102 
ASP CG  OD2  sing N N 103 
ASP OD2 HD2  sing N N 104 
ASP OXT HXT  sing N N 105 
CNC CO  N21  sing N N 106 
CNC CO  N22  sing N N 107 
CNC CO  N23  sing N N 108 
CNC CO  N24  sing N N 109 
CNC CO  C1A  sing N N 110 
CNC N21 C1   sing N N 111 
CNC N21 C4   doub N N 112 
CNC N22 C6   sing N N 113 
CNC N22 C9   doub N N 114 
CNC N23 C11  sing N N 115 
CNC N23 C14  doub N N 116 
CNC N24 C16  sing N N 117 
CNC N24 C19  sing N N 118 
CNC C1  C20  sing N N 119 
CNC C1  C2   sing N N 120 
CNC C1  C19  sing N N 121 
CNC C20 H201 sing N N 122 
CNC C20 H202 sing N N 123 
CNC C20 H203 sing N N 124 
CNC C2  C25  sing N N 125 
CNC C2  C26  sing N N 126 
CNC C2  C3   sing N N 127 
CNC C25 H251 sing N N 128 
CNC C25 H252 sing N N 129 
CNC C25 H253 sing N N 130 
CNC C26 C27  sing N N 131 
CNC C26 H261 sing N N 132 
CNC C26 H262 sing N N 133 
CNC C27 O28  doub N N 134 
CNC C27 N29  sing N N 135 
CNC N29 H291 sing N N 136 
CNC N29 H292 sing N N 137 
CNC C3  C30  sing N N 138 
CNC C3  C4   sing N N 139 
CNC C3  H3   sing N N 140 
CNC C30 C31  sing N N 141 
CNC C30 H301 sing N N 142 
CNC C30 H302 sing N N 143 
CNC C31 C32  sing N N 144 
CNC C31 H311 sing N N 145 
CNC C31 H312 sing N N 146 
CNC C32 O34  doub N N 147 
CNC C32 N33  sing N N 148 
CNC N33 H331 sing N N 149 
CNC N33 H332 sing N N 150 
CNC C4  C5   sing N N 151 
CNC C5  C35  sing N N 152 
CNC C5  C6   doub N N 153 
CNC C35 H351 sing N N 154 
CNC C35 H352 sing N N 155 
CNC C35 H353 sing N N 156 
CNC C6  C7   sing N N 157 
CNC C7  C36  sing N N 158 
CNC C7  C37  sing N N 159 
CNC C7  C8   sing N N 160 
CNC C36 H361 sing N N 161 
CNC C36 H362 sing N N 162 
CNC C36 H363 sing N N 163 
CNC C37 C38  sing N N 164 
CNC C37 H371 sing N N 165 
CNC C37 H372 sing N N 166 
CNC C38 O39  doub N N 167 
CNC C38 N40  sing N N 168 
CNC N40 H401 sing N N 169 
CNC N40 H402 sing N N 170 
CNC C8  C41  sing N N 171 
CNC C8  C9   sing N N 172 
CNC C8  H8   sing N N 173 
CNC C41 C42  sing N N 174 
CNC C41 H411 sing N N 175 
CNC C41 H412 sing N N 176 
CNC C42 C43  sing N N 177 
CNC C42 H421 sing N N 178 
CNC C42 H422 sing N N 179 
CNC C43 O44  doub N N 180 
CNC C43 N45  sing N N 181 
CNC N45 H451 sing N N 182 
CNC N45 H452 sing N N 183 
CNC C9  C10  sing N N 184 
CNC C10 C11  doub N N 185 
CNC C10 H10  sing N N 186 
CNC C11 C12  sing N N 187 
CNC C12 C46  sing N N 188 
CNC C12 C47  sing N N 189 
CNC C12 C13  sing N N 190 
CNC C46 H461 sing N N 191 
CNC C46 H462 sing N N 192 
CNC C46 H463 sing N N 193 
CNC C47 H471 sing N N 194 
CNC C47 H472 sing N N 195 
CNC C47 H473 sing N N 196 
CNC C13 C48  sing N N 197 
CNC C13 C14  sing N N 198 
CNC C13 H13  sing N N 199 
CNC C48 C49  sing N N 200 
CNC C48 H481 sing N N 201 
CNC C48 H482 sing N N 202 
CNC C49 C50  sing N N 203 
CNC C49 H491 sing N N 204 
CNC C49 H492 sing N N 205 
CNC C50 O51  doub N N 206 
CNC C50 N52  sing N N 207 
CNC N52 H521 sing N N 208 
CNC N52 H522 sing N N 209 
CNC C14 C15  sing N N 210 
CNC C15 C53  sing N N 211 
CNC C15 C16  doub N N 212 
CNC C53 H531 sing N N 213 
CNC C53 H532 sing N N 214 
CNC C53 H533 sing N N 215 
CNC C16 C17  sing N N 216 
CNC C17 C54  sing N N 217 
CNC C17 C55  sing N N 218 
CNC C17 C18  sing N N 219 
CNC C54 H541 sing N N 220 
CNC C54 H542 sing N N 221 
CNC C54 H543 sing N N 222 
CNC C55 C56  sing N N 223 
CNC C55 H551 sing N N 224 
CNC C55 H552 sing N N 225 
CNC C56 C57  sing N N 226 
CNC C56 H561 sing N N 227 
CNC C56 H562 sing N N 228 
CNC C57 O58  doub N N 229 
CNC C57 N59  sing N N 230 
CNC N59 C1P  sing N N 231 
CNC N59 H59  sing N N 232 
CNC C18 C60  sing N N 233 
CNC C18 C19  sing N N 234 
CNC C18 H18  sing N N 235 
CNC C60 C61  sing N N 236 
CNC C60 H601 sing N N 237 
CNC C60 H602 sing N N 238 
CNC C61 O63  doub N N 239 
CNC C61 N62  sing N N 240 
CNC N62 H621 sing N N 241 
CNC N62 H622 sing N N 242 
CNC C1P C2P  sing N N 243 
CNC C1P H1P1 sing N N 244 
CNC C1P H1P2 sing N N 245 
CNC C2P C3P  sing N N 246 
CNC C2P O3   sing N N 247 
CNC C2P H2P  sing N N 248 
CNC C3P H3P1 sing N N 249 
CNC C3P H3P2 sing N N 250 
CNC C3P H3P3 sing N N 251 
CNC O3  P    sing N N 252 
CNC O4  P    doub N N 253 
CNC O5  P    sing N N 254 
CNC O5  HOP5 sing N N 255 
CNC P   O2   sing N N 256 
CNC O2  C3R  sing N N 257 
CNC C3R C2R  sing N N 258 
CNC C3R C4R  sing N N 259 
CNC C3R H3R  sing N N 260 
CNC C2R O7R  sing N N 261 
CNC C2R C1R  sing N N 262 
CNC C2R H2R  sing N N 263 
CNC O7R HOR7 sing N N 264 
CNC C1R O6R  sing N N 265 
CNC C1R N1B  sing N N 266 
CNC C1R H1R  sing N N 267 
CNC O6R C4R  sing N N 268 
CNC C4R C5R  sing N N 269 
CNC C4R H4R  sing N N 270 
CNC C5R O8R  sing N N 271 
CNC C5R H5R1 sing N N 272 
CNC C5R H5R2 sing N N 273 
CNC O8R HOR8 sing N N 274 
CNC N1B C8B  sing Y N 275 
CNC N1B C2B  sing Y N 276 
CNC C8B C9B  doub Y N 277 
CNC C8B C7B  sing Y N 278 
CNC C2B N3B  doub Y N 279 
CNC C2B H2B  sing N N 280 
CNC N3B C9B  sing Y N 281 
CNC C9B C4B  sing Y N 282 
CNC C4B C5B  doub Y N 283 
CNC C4B H4B  sing N N 284 
CNC C5B C5M  sing N N 285 
CNC C5B C6B  sing Y N 286 
CNC C5M HM51 sing N N 287 
CNC C5M HM52 sing N N 288 
CNC C5M HM53 sing N N 289 
CNC C6B C6M  sing N N 290 
CNC C6B C7B  doub Y N 291 
CNC C6M HM61 sing N N 292 
CNC C6M HM62 sing N N 293 
CNC C6M HM63 sing N N 294 
CNC C7B H7B  sing N N 295 
CNC N1A C1A  trip N N 296 
CNC C19 H1   sing N N 297 
GLN N   CA   sing N N 298 
GLN N   H    sing N N 299 
GLN N   H2   sing N N 300 
GLN CA  C    sing N N 301 
GLN CA  CB   sing N N 302 
GLN CA  HA   sing N N 303 
GLN C   O    doub N N 304 
GLN C   OXT  sing N N 305 
GLN CB  CG   sing N N 306 
GLN CB  HB2  sing N N 307 
GLN CB  HB3  sing N N 308 
GLN CG  CD   sing N N 309 
GLN CG  HG2  sing N N 310 
GLN CG  HG3  sing N N 311 
GLN CD  OE1  doub N N 312 
GLN CD  NE2  sing N N 313 
GLN NE2 HE21 sing N N 314 
GLN NE2 HE22 sing N N 315 
GLN OXT HXT  sing N N 316 
GLU N   CA   sing N N 317 
GLU N   H    sing N N 318 
GLU N   H2   sing N N 319 
GLU CA  C    sing N N 320 
GLU CA  CB   sing N N 321 
GLU CA  HA   sing N N 322 
GLU C   O    doub N N 323 
GLU C   OXT  sing N N 324 
GLU CB  CG   sing N N 325 
GLU CB  HB2  sing N N 326 
GLU CB  HB3  sing N N 327 
GLU CG  CD   sing N N 328 
GLU CG  HG2  sing N N 329 
GLU CG  HG3  sing N N 330 
GLU CD  OE1  doub N N 331 
GLU CD  OE2  sing N N 332 
GLU OE2 HE2  sing N N 333 
GLU OXT HXT  sing N N 334 
GLY N   CA   sing N N 335 
GLY N   H    sing N N 336 
GLY N   H2   sing N N 337 
GLY CA  C    sing N N 338 
GLY CA  HA2  sing N N 339 
GLY CA  HA3  sing N N 340 
GLY C   O    doub N N 341 
GLY C   OXT  sing N N 342 
GLY OXT HXT  sing N N 343 
HIS N   CA   sing N N 344 
HIS N   H    sing N N 345 
HIS N   H2   sing N N 346 
HIS CA  C    sing N N 347 
HIS CA  CB   sing N N 348 
HIS CA  HA   sing N N 349 
HIS C   O    doub N N 350 
HIS C   OXT  sing N N 351 
HIS CB  CG   sing N N 352 
HIS CB  HB2  sing N N 353 
HIS CB  HB3  sing N N 354 
HIS CG  ND1  sing Y N 355 
HIS CG  CD2  doub Y N 356 
HIS ND1 CE1  doub Y N 357 
HIS ND1 HD1  sing N N 358 
HIS CD2 NE2  sing Y N 359 
HIS CD2 HD2  sing N N 360 
HIS CE1 NE2  sing Y N 361 
HIS CE1 HE1  sing N N 362 
HIS NE2 HE2  sing N N 363 
HIS OXT HXT  sing N N 364 
ILE N   CA   sing N N 365 
ILE N   H    sing N N 366 
ILE N   H2   sing N N 367 
ILE CA  C    sing N N 368 
ILE CA  CB   sing N N 369 
ILE CA  HA   sing N N 370 
ILE C   O    doub N N 371 
ILE C   OXT  sing N N 372 
ILE CB  CG1  sing N N 373 
ILE CB  CG2  sing N N 374 
ILE CB  HB   sing N N 375 
ILE CG1 CD1  sing N N 376 
ILE CG1 HG12 sing N N 377 
ILE CG1 HG13 sing N N 378 
ILE CG2 HG21 sing N N 379 
ILE CG2 HG22 sing N N 380 
ILE CG2 HG23 sing N N 381 
ILE CD1 HD11 sing N N 382 
ILE CD1 HD12 sing N N 383 
ILE CD1 HD13 sing N N 384 
ILE OXT HXT  sing N N 385 
LEU N   CA   sing N N 386 
LEU N   H    sing N N 387 
LEU N   H2   sing N N 388 
LEU CA  C    sing N N 389 
LEU CA  CB   sing N N 390 
LEU CA  HA   sing N N 391 
LEU C   O    doub N N 392 
LEU C   OXT  sing N N 393 
LEU CB  CG   sing N N 394 
LEU CB  HB2  sing N N 395 
LEU CB  HB3  sing N N 396 
LEU CG  CD1  sing N N 397 
LEU CG  CD2  sing N N 398 
LEU CG  HG   sing N N 399 
LEU CD1 HD11 sing N N 400 
LEU CD1 HD12 sing N N 401 
LEU CD1 HD13 sing N N 402 
LEU CD2 HD21 sing N N 403 
LEU CD2 HD22 sing N N 404 
LEU CD2 HD23 sing N N 405 
LEU OXT HXT  sing N N 406 
PRO N   CA   sing N N 407 
PRO N   CD   sing N N 408 
PRO N   H    sing N N 409 
PRO CA  C    sing N N 410 
PRO CA  CB   sing N N 411 
PRO CA  HA   sing N N 412 
PRO C   O    doub N N 413 
PRO C   OXT  sing N N 414 
PRO CB  CG   sing N N 415 
PRO CB  HB2  sing N N 416 
PRO CB  HB3  sing N N 417 
PRO CG  CD   sing N N 418 
PRO CG  HG2  sing N N 419 
PRO CG  HG3  sing N N 420 
PRO CD  HD2  sing N N 421 
PRO CD  HD3  sing N N 422 
PRO OXT HXT  sing N N 423 
SER N   CA   sing N N 424 
SER N   H    sing N N 425 
SER N   H2   sing N N 426 
SER CA  C    sing N N 427 
SER CA  CB   sing N N 428 
SER CA  HA   sing N N 429 
SER C   O    doub N N 430 
SER C   OXT  sing N N 431 
SER CB  OG   sing N N 432 
SER CB  HB2  sing N N 433 
SER CB  HB3  sing N N 434 
SER OG  HG   sing N N 435 
SER OXT HXT  sing N N 436 
THR N   CA   sing N N 437 
THR N   H    sing N N 438 
THR N   H2   sing N N 439 
THR CA  C    sing N N 440 
THR CA  CB   sing N N 441 
THR CA  HA   sing N N 442 
THR C   O    doub N N 443 
THR C   OXT  sing N N 444 
THR CB  OG1  sing N N 445 
THR CB  CG2  sing N N 446 
THR CB  HB   sing N N 447 
THR OG1 HG1  sing N N 448 
THR CG2 HG21 sing N N 449 
THR CG2 HG22 sing N N 450 
THR CG2 HG23 sing N N 451 
THR OXT HXT  sing N N 452 
TYR N   CA   sing N N 453 
TYR N   H    sing N N 454 
TYR N   H2   sing N N 455 
TYR CA  C    sing N N 456 
TYR CA  CB   sing N N 457 
TYR CA  HA   sing N N 458 
TYR C   O    doub N N 459 
TYR C   OXT  sing N N 460 
TYR CB  CG   sing N N 461 
TYR CB  HB2  sing N N 462 
TYR CB  HB3  sing N N 463 
TYR CG  CD1  doub Y N 464 
TYR CG  CD2  sing Y N 465 
TYR CD1 CE1  sing Y N 466 
TYR CD1 HD1  sing N N 467 
TYR CD2 CE2  doub Y N 468 
TYR CD2 HD2  sing N N 469 
TYR CE1 CZ   doub Y N 470 
TYR CE1 HE1  sing N N 471 
TYR CE2 CZ   sing Y N 472 
TYR CE2 HE2  sing N N 473 
TYR CZ  OH   sing N N 474 
TYR OH  HH   sing N N 475 
TYR OXT HXT  sing N N 476 
VAL N   CA   sing N N 477 
VAL N   H    sing N N 478 
VAL N   H2   sing N N 479 
VAL CA  C    sing N N 480 
VAL CA  CB   sing N N 481 
VAL CA  HA   sing N N 482 
VAL C   O    doub N N 483 
VAL C   OXT  sing N N 484 
VAL CB  CG1  sing N N 485 
VAL CB  CG2  sing N N 486 
VAL CB  HB   sing N N 487 
VAL CG1 HG11 sing N N 488 
VAL CG1 HG12 sing N N 489 
VAL CG1 HG13 sing N N 490 
VAL CG2 HG21 sing N N 491 
VAL CG2 HG22 sing N N 492 
VAL CG2 HG23 sing N N 493 
VAL OXT HXT  sing N N 494 
# 
_pdbx_nmr_spectrometer.field_strength    500 
_pdbx_nmr_spectrometer.manufacturer      Bruker 
_pdbx_nmr_spectrometer.model             DRX 
_pdbx_nmr_spectrometer.spectrometer_id   1 
_pdbx_nmr_spectrometer.type              'Bruker DRX' 
# 
_atom_sites.entry_id                    2NA5 
_atom_sites.fract_transf_matrix[1][1]   1.000000 
_atom_sites.fract_transf_matrix[1][2]   0.000000 
_atom_sites.fract_transf_matrix[1][3]   0.000000 
_atom_sites.fract_transf_matrix[2][1]   0.000000 
_atom_sites.fract_transf_matrix[2][2]   1.000000 
_atom_sites.fract_transf_matrix[2][3]   0.000000 
_atom_sites.fract_transf_matrix[3][1]   0.000000 
_atom_sites.fract_transf_matrix[3][2]   0.000000 
_atom_sites.fract_transf_matrix[3][3]   1.000000 
_atom_sites.fract_transf_vector[1]      0.00000 
_atom_sites.fract_transf_vector[2]      0.00000 
_atom_sites.fract_transf_vector[3]      0.00000 
# 
loop_
_atom_type.symbol 
C  
CO 
H  
N  
O  
P  
# 
loop_
_atom_site.group_PDB 
_atom_site.id 
_atom_site.type_symbol 
_atom_site.label_atom_id 
_atom_site.label_alt_id 
_atom_site.label_comp_id 
_atom_site.label_asym_id 
_atom_site.label_entity_id 
_atom_site.label_seq_id 
_atom_site.pdbx_PDB_ins_code 
_atom_site.Cartn_x 
_atom_site.Cartn_y 
_atom_site.Cartn_z 
_atom_site.occupancy 
_atom_site.B_iso_or_equiv 
_atom_site.pdbx_formal_charge 
_atom_site.auth_seq_id 
_atom_site.auth_comp_id 
_atom_site.auth_asym_id 
_atom_site.auth_atom_id 
_atom_site.pdbx_PDB_model_num 
ATOM   1   N  N    . ILE A 1 1  ? 7.694   8.578   -4.459  1.00 0.00 ? 3   ILE A N    1 
ATOM   2   C  CA   . ILE A 1 1  ? 6.256   8.267   -4.601  1.00 0.00 ? 3   ILE A CA   1 
ATOM   3   C  C    . ILE A 1 1  ? 5.505   8.570   -3.287  1.00 0.00 ? 3   ILE A C    1 
ATOM   4   O  O    . ILE A 1 1  ? 6.165   8.958   -2.321  1.00 0.00 ? 3   ILE A O    1 
ATOM   5   C  CB   . ILE A 1 1  ? 5.995   6.821   -5.074  1.00 0.00 ? 3   ILE A CB   1 
ATOM   6   C  CG1  . ILE A 1 1  ? 6.346   5.774   -4.014  1.00 0.00 ? 3   ILE A CG1  1 
ATOM   7   C  CG2  . ILE A 1 1  ? 6.729   6.539   -6.390  1.00 0.00 ? 3   ILE A CG2  1 
ATOM   8   C  CD1  . ILE A 1 1  ? 5.832   4.380   -4.376  1.00 0.00 ? 3   ILE A CD1  1 
ATOM   9   H  H1   . ILE A 1 1  ? 8.216   8.247   -5.246  1.00 0.00 ? 3   ILE A H1   1 
ATOM   10  H  H2   . ILE A 1 1  ? 7.815   9.578   -4.417  1.00 0.00 ? 3   ILE A H2   1 
ATOM   11  H  H3   . ILE A 1 1  ? 8.062   8.168   -3.625  1.00 0.00 ? 3   ILE A H3   1 
ATOM   12  H  HA   . ILE A 1 1  ? 5.855   8.934   -5.364  1.00 0.00 ? 3   ILE A HA   1 
ATOM   13  H  HB   . ILE A 1 1  ? 4.927   6.733   -5.274  1.00 0.00 ? 3   ILE A HB   1 
ATOM   14  H  HG12 . ILE A 1 1  ? 7.429   5.735   -3.900  1.00 0.00 ? 3   ILE A HG12 1 
ATOM   15  H  HG13 . ILE A 1 1  ? 5.901   6.075   -3.065  1.00 0.00 ? 3   ILE A HG13 1 
ATOM   16  H  HG21 . ILE A 1 1  ? 6.530   5.515   -6.705  1.00 0.00 ? 3   ILE A HG21 1 
ATOM   17  H  HG22 . ILE A 1 1  ? 7.801   6.673   -6.244  1.00 0.00 ? 3   ILE A HG22 1 
ATOM   18  H  HG23 . ILE A 1 1  ? 6.377   7.229   -7.157  1.00 0.00 ? 3   ILE A HG23 1 
ATOM   19  H  HD11 . ILE A 1 1  ? 6.108   3.675   -3.591  1.00 0.00 ? 3   ILE A HD11 1 
ATOM   20  H  HD12 . ILE A 1 1  ? 4.747   4.407   -4.476  1.00 0.00 ? 3   ILE A HD12 1 
ATOM   21  H  HD13 . ILE A 1 1  ? 6.276   4.064   -5.320  1.00 0.00 ? 3   ILE A HD13 1 
HETATM 22  N  N    . 4QK A 1 2  ? 4.168   8.557   -3.337  1.00 0.00 ? 4   4QK A N    1 
HETATM 23  C  CA   . 4QK A 1 2  ? 3.282   8.608   -2.149  1.00 0.00 ? 4   4QK A CA   1 
HETATM 24  C  CB   . 4QK A 1 2  ? 3.231   10.036  -1.591  1.00 0.00 ? 4   4QK A CB   1 
HETATM 25  C  CG   . 4QK A 1 2  ? 2.729   10.063  -0.146  1.00 0.00 ? 4   4QK A CG   1 
HETATM 26  C  CD   . 4QK A 1 2  ? 2.735   11.501  0.370   1.00 0.00 ? 4   4QK A CD   1 
HETATM 27  C  CE   . 4QK A 1 2  ? 2.091   11.623  1.750   1.00 0.00 ? 4   4QK A CE   1 
HETATM 28  C  C    . 4QK A 1 2  ? 1.864   8.113   -2.528  1.00 0.00 ? 4   4QK A C    1 
HETATM 29  O  O    . 4QK A 1 2  ? 1.186   8.775   -3.313  1.00 0.00 ? 4   4QK A O    1 
HETATM 30  C  CZ   . 4QK A 1 2  ? 4.048   13.478  6.688   1.00 0.00 ? 4   4QK A CZ   1 
HETATM 31  C  CY   . 4QK A 1 2  ? 4.978   12.686  5.754   1.00 0.00 ? 4   4QK A CY   1 
HETATM 32  C  CT1  . 4QK A 1 2  ? 4.258   11.915  4.643   1.00 0.00 ? 4   4QK A CT1  1 
HETATM 33  C  CT2  . 4QK A 1 2  ? 3.364   12.403  3.792   1.00 0.00 ? 4   4QK A CT2  1 
HETATM 34  N  NT1  . 4QK A 1 2  ? 3.061   11.451  2.917   1.00 0.00 ? 4   4QK A NT1  1 
HETATM 35  N  NT2  . 4QK A 1 2  ? 3.765   10.363  3.229   1.00 0.00 ? 4   4QK A NT2  1 
HETATM 36  N  NT3  . 4QK A 1 2  ? 4.506   10.653  4.294   1.00 0.00 ? 4   4QK A NT3  1 
HETATM 37  N  NZ2  . 4QK A 1 2  ? 3.043   12.647  7.378   1.00 0.00 ? 4   4QK A NZ2  1 
HETATM 38  H  H    . 4QK A 1 2  ? 3.681   8.656   -4.218  1.00 0.00 ? 4   4QK A H    1 
HETATM 39  H  HA   . 4QK A 1 2  ? 3.688   7.948   -1.382  1.00 0.00 ? 4   4QK A HA   1 
HETATM 40  H  HC36 . 4QK A 1 2  ? 2.565   10.637  -2.211  1.00 0.00 ? 4   4QK A HC36 1 
HETATM 41  H  HC35 . 4QK A 1 2  ? 4.233   10.464  -1.625  1.00 0.00 ? 4   4QK A HC35 1 
HETATM 42  H  HC38 . 4QK A 1 2  ? 1.714   9.668   -0.106  1.00 0.00 ? 4   4QK A HC38 1 
HETATM 43  H  HC37 . 4QK A 1 2  ? 3.382   9.451   0.477   1.00 0.00 ? 4   4QK A HC37 1 
HETATM 44  H  HC40 . 4QK A 1 2  ? 2.192   12.132  -0.333  1.00 0.00 ? 4   4QK A HC40 1 
HETATM 45  H  HC39 . 4QK A 1 2  ? 3.767   11.846  0.433   1.00 0.00 ? 4   4QK A HC39 1 
HETATM 46  H  HC42 . 4QK A 1 2  ? 1.306   10.872  1.836   1.00 0.00 ? 4   4QK A HC42 1 
HETATM 47  H  HC41 . 4QK A 1 2  ? 1.637   12.612  1.827   1.00 0.00 ? 4   4QK A HC41 1 
HETATM 48  H  HC44 . 4QK A 1 2  ? 3.531   14.239  6.102   1.00 0.00 ? 4   4QK A HC44 1 
HETATM 49  H  HC43 . 4QK A 1 2  ? 4.659   13.974  7.442   1.00 0.00 ? 4   4QK A HC43 1 
HETATM 50  H  HC46 . 4QK A 1 2  ? 5.551   11.978  6.353   1.00 0.00 ? 4   4QK A HC46 1 
HETATM 51  H  HC45 . 4QK A 1 2  ? 5.670   13.388  5.289   1.00 0.00 ? 4   4QK A HC45 1 
HETATM 52  H  HC47 . 4QK A 1 2  ? 2.954   13.402  3.809   1.00 0.00 ? 4   4QK A HC47 1 
HETATM 53  H  HZ2  . 4QK A 1 2  ? 2.098   12.627  7.018   1.00 0.00 ? 4   4QK A HZ2  1 
ATOM   54  N  N    . PRO A 1 3  ? 1.450   6.941   -2.016  1.00 0.00 ? 6   PRO A N    1 
ATOM   55  C  CA   . PRO A 1 3  ? 0.216   6.234   -2.433  1.00 0.00 ? 6   PRO A CA   1 
ATOM   56  C  C    . PRO A 1 3  ? -1.087  6.737   -1.776  1.00 0.00 ? 6   PRO A C    1 
ATOM   57  O  O    . PRO A 1 3  ? -1.200  7.905   -1.400  1.00 0.00 ? 6   PRO A O    1 
ATOM   58  C  CB   . PRO A 1 3  ? 0.529   4.782   -2.060  1.00 0.00 ? 6   PRO A CB   1 
ATOM   59  C  CG   . PRO A 1 3  ? 1.284   4.937   -0.743  1.00 0.00 ? 6   PRO A CG   1 
ATOM   60  C  CD   . PRO A 1 3  ? 2.178   6.150   -1.003  1.00 0.00 ? 6   PRO A CD   1 
ATOM   61  H  HA   . PRO A 1 3  ? 0.116   6.307   -3.517  1.00 0.00 ? 6   PRO A HA   1 
ATOM   62  H  HB2  . PRO A 1 3  ? -0.392  4.218   -1.910  1.00 0.00 ? 6   PRO A HB2  1 
ATOM   63  H  HB3  . PRO A 1 3  ? 1.152   4.306   -2.817  1.00 0.00 ? 6   PRO A HB3  1 
ATOM   64  H  HG2  . PRO A 1 3  ? 0.598   5.125   0.083   1.00 0.00 ? 6   PRO A HG2  1 
ATOM   65  H  HG3  . PRO A 1 3  ? 1.888   4.052   -0.543  1.00 0.00 ? 6   PRO A HG3  1 
ATOM   66  H  HD2  . PRO A 1 3  ? 2.303   6.730   -0.089  1.00 0.00 ? 6   PRO A HD2  1 
ATOM   67  H  HD3  . PRO A 1 3  ? 3.150   5.836   -1.386  1.00 0.00 ? 6   PRO A HD3  1 
ATOM   68  N  N    . GLU A 1 4  ? -2.108  5.877   -1.796  1.00 0.00 ? 7   GLU A N    1 
ATOM   69  C  CA   . GLU A 1 4  ? -3.399  6.063   -1.096  1.00 0.00 ? 7   GLU A CA   1 
ATOM   70  C  C    . GLU A 1 4  ? -3.299  5.742   0.411   1.00 0.00 ? 7   GLU A C    1 
ATOM   71  O  O    . GLU A 1 4  ? -3.057  4.597   0.801   1.00 0.00 ? 7   GLU A O    1 
ATOM   72  C  CB   . GLU A 1 4  ? -4.469  5.171   -1.751  1.00 0.00 ? 7   GLU A CB   1 
ATOM   73  C  CG   . GLU A 1 4  ? -4.603  5.336   -3.275  1.00 0.00 ? 7   GLU A CG   1 
ATOM   74  C  CD   . GLU A 1 4  ? -3.767  4.359   -4.124  1.00 0.00 ? 7   GLU A CD   1 
ATOM   75  O  OE1  . GLU A 1 4  ? -2.879  3.670   -3.578  1.00 0.00 ? 7   GLU A OE1  1 
ATOM   76  O  OE2  . GLU A 1 4  ? -4.094  4.213   -5.323  1.00 0.00 ? 7   GLU A OE2  1 
ATOM   77  H  H    . GLU A 1 4  ? -2.126  5.099   -2.441  1.00 0.00 ? 7   GLU A H    1 
ATOM   78  H  HA   . GLU A 1 4  ? -3.704  7.103   -1.208  1.00 0.00 ? 7   GLU A HA   1 
ATOM   79  H  HB2  . GLU A 1 4  ? -4.216  4.131   -1.543  1.00 0.00 ? 7   GLU A HB2  1 
ATOM   80  H  HB3  . GLU A 1 4  ? -5.433  5.392   -1.292  1.00 0.00 ? 7   GLU A HB3  1 
ATOM   81  H  HG2  . GLU A 1 4  ? -5.651  5.196   -3.537  1.00 0.00 ? 7   GLU A HG2  1 
ATOM   82  H  HG3  . GLU A 1 4  ? -4.315  6.354   -3.537  1.00 0.00 ? 7   GLU A HG3  1 
ATOM   83  N  N    . ALA A 1 5  ? -3.539  6.745   1.255   1.00 0.00 ? 8   ALA A N    1 
ATOM   84  C  CA   . ALA A 1 5  ? -3.354  6.610   2.721   1.00 0.00 ? 8   ALA A CA   1 
ATOM   85  C  C    . ALA A 1 5  ? -4.650  6.597   3.564   1.00 0.00 ? 8   ALA A C    1 
ATOM   86  O  O    . ALA A 1 5  ? -5.446  7.533   3.452   1.00 0.00 ? 8   ALA A O    1 
ATOM   87  C  CB   . ALA A 1 5  ? -2.408  7.707   3.210   1.00 0.00 ? 8   ALA A CB   1 
ATOM   88  H  H    . ALA A 1 5  ? -3.826  7.646   0.928   1.00 0.00 ? 8   ALA A H    1 
ATOM   89  H  HA   . ALA A 1 5  ? -2.853  5.657   2.892   1.00 0.00 ? 8   ALA A HA   1 
ATOM   90  H  HB1  . ALA A 1 5  ? -1.501  7.702   2.606   1.00 0.00 ? 8   ALA A HB1  1 
ATOM   91  H  HB2  . ALA A 1 5  ? -2.149  7.526   4.253   1.00 0.00 ? 8   ALA A HB2  1 
ATOM   92  H  HB3  . ALA A 1 5  ? -2.899  8.676   3.121   1.00 0.00 ? 8   ALA A HB3  1 
ATOM   93  N  N    . PRO A 1 6  ? -4.774  5.627   4.487   1.00 0.00 ? 9   PRO A N    1 
ATOM   94  C  CA   . PRO A 1 6  ? -6.021  5.319   5.221   1.00 0.00 ? 9   PRO A CA   1 
ATOM   95  C  C    . PRO A 1 6  ? -6.352  6.215   6.437   1.00 0.00 ? 9   PRO A C    1 
ATOM   96  O  O    . PRO A 1 6  ? -6.099  7.419   6.402   1.00 0.00 ? 9   PRO A O    1 
ATOM   97  C  CB   . PRO A 1 6  ? -5.829  3.842   5.577   1.00 0.00 ? 9   PRO A CB   1 
ATOM   98  C  CG   . PRO A 1 6  ? -4.339  3.754   5.900   1.00 0.00 ? 9   PRO A CG   1 
ATOM   99  C  CD   . PRO A 1 6  ? -3.717  4.652   4.833   1.00 0.00 ? 9   PRO A CD   1 
ATOM   100 H  HA   . PRO A 1 6  ? -6.851  5.388   4.517   1.00 0.00 ? 9   PRO A HA   1 
ATOM   101 H  HB2  . PRO A 1 6  ? -6.425  3.580   6.452   1.00 0.00 ? 9   PRO A HB2  1 
ATOM   102 H  HB3  . PRO A 1 6  ? -6.085  3.200   4.735   1.00 0.00 ? 9   PRO A HB3  1 
ATOM   103 H  HG2  . PRO A 1 6  ? -4.140  4.147   6.896   1.00 0.00 ? 9   PRO A HG2  1 
ATOM   104 H  HG3  . PRO A 1 6  ? -3.977  2.729   5.813   1.00 0.00 ? 9   PRO A HG3  1 
ATOM   105 H  HD2  . PRO A 1 6  ? -2.840  5.164   5.228   1.00 0.00 ? 9   PRO A HD2  1 
ATOM   106 H  HD3  . PRO A 1 6  ? -3.447  4.063   3.956   1.00 0.00 ? 9   PRO A HD3  1 
ATOM   107 N  N    . GLY A 1 7  ? -7.091  5.650   7.394   1.00 0.00 ? 10  GLY A N    1 
ATOM   108 C  CA   . GLY A 1 7  ? -7.406  6.258   8.709   1.00 0.00 ? 10  GLY A CA   1 
ATOM   109 C  C    . GLY A 1 7  ? -8.894  6.374   9.109   1.00 0.00 ? 10  GLY A C    1 
ATOM   110 O  O    . GLY A 1 7  ? -9.210  7.124   10.032  1.00 0.00 ? 10  GLY A O    1 
ATOM   111 H  H    . GLY A 1 7  ? -7.524  4.746   7.240   1.00 0.00 ? 10  GLY A H    1 
ATOM   112 H  HA2  . GLY A 1 7  ? -6.894  5.680   9.478   1.00 0.00 ? 10  GLY A HA2  1 
ATOM   113 H  HA3  . GLY A 1 7  ? -6.989  7.266   8.710   1.00 0.00 ? 10  GLY A HA3  1 
ATOM   114 N  N    . GLU A 1 8  ? -9.737  5.463   8.629   1.00 0.00 ? 11  GLU A N    1 
ATOM   115 C  CA   . GLU A 1 8  ? -11.212 5.549   8.792   1.00 0.00 ? 11  GLU A CA   1 
ATOM   116 C  C    . GLU A 1 8  ? -11.915 4.405   9.559   1.00 0.00 ? 11  GLU A C    1 
ATOM   117 O  O    . GLU A 1 8  ? -12.838 4.653   10.338  1.00 0.00 ? 11  GLU A O    1 
ATOM   118 C  CB   . GLU A 1 8  ? -11.869 5.721   7.416   1.00 0.00 ? 11  GLU A CB   1 
ATOM   119 C  CG   . GLU A 1 8  ? -11.501 7.057   6.755   1.00 0.00 ? 11  GLU A CG   1 
ATOM   120 C  CD   . GLU A 1 8  ? -11.967 7.173   5.297   1.00 0.00 ? 11  GLU A CD   1 
ATOM   121 O  OE1  . GLU A 1 8  ? -11.957 6.148   4.582   1.00 0.00 ? 11  GLU A OE1  1 
ATOM   122 O  OE2  . GLU A 1 8  ? -12.176 8.318   4.847   1.00 0.00 ? 11  GLU A OE2  1 
ATOM   123 H  H    . GLU A 1 8  ? -9.394  4.649   8.134   1.00 0.00 ? 11  GLU A H    1 
ATOM   124 H  HA   . GLU A 1 8  ? -11.410 6.464   9.348   1.00 0.00 ? 11  GLU A HA   1 
ATOM   125 H  HB2  . GLU A 1 8  ? -11.543 4.908   6.768   1.00 0.00 ? 11  GLU A HB2  1 
ATOM   126 H  HB3  . GLU A 1 8  ? -12.952 5.669   7.531   1.00 0.00 ? 11  GLU A HB3  1 
ATOM   127 H  HG2  . GLU A 1 8  ? -11.961 7.862   7.328   1.00 0.00 ? 11  GLU A HG2  1 
ATOM   128 H  HG3  . GLU A 1 8  ? -10.418 7.178   6.787   1.00 0.00 ? 11  GLU A HG3  1 
ATOM   129 N  N    . ASP A 1 9  ? -11.357 3.201   9.484   1.00 0.00 ? 12  ASP A N    1 
ATOM   130 C  CA   . ASP A 1 9  ? -11.960 1.962   10.021  1.00 0.00 ? 12  ASP A CA   1 
ATOM   131 C  C    . ASP A 1 9  ? -11.267 1.368   11.263  1.00 0.00 ? 12  ASP A C    1 
ATOM   132 O  O    . ASP A 1 9  ? -11.660 1.666   12.392  1.00 0.00 ? 12  ASP A O    1 
ATOM   133 C  CB   . ASP A 1 9  ? -12.070 0.916   8.909   1.00 0.00 ? 12  ASP A CB   1 
ATOM   134 C  CG   . ASP A 1 9  ? -13.459 0.929   8.275   1.00 0.00 ? 12  ASP A CG   1 
ATOM   135 O  OD1  . ASP A 1 9  ? -14.341 0.250   8.835   1.00 0.00 ? 12  ASP A OD1  1 
ATOM   136 O  OD2  . ASP A 1 9  ? -13.606 1.481   7.167   1.00 0.00 ? 12  ASP A OD2  1 
ATOM   137 H  H    . ASP A 1 9  ? -10.412 3.079   9.146   1.00 0.00 ? 12  ASP A H    1 
ATOM   138 H  HA   . ASP A 1 9  ? -12.978 2.212   10.320  1.00 0.00 ? 12  ASP A HA   1 
ATOM   139 H  HB2  . ASP A 1 9  ? -11.325 1.129   8.142   1.00 0.00 ? 12  ASP A HB2  1 
ATOM   140 H  HB3  . ASP A 1 9  ? -11.880 -0.072  9.329   1.00 0.00 ? 12  ASP A HB3  1 
ATOM   141 N  N    . ALA A 1 10 ? -10.133 0.701   11.059  1.00 0.00 ? 13  ALA A N    1 
ATOM   142 C  CA   . ALA A 1 10 ? -9.425  -0.077  12.103  1.00 0.00 ? 13  ALA A CA   1 
ATOM   143 C  C    . ALA A 1 10 ? -7.945  -0.263  11.743  1.00 0.00 ? 13  ALA A C    1 
ATOM   144 O  O    . ALA A 1 10 ? -7.620  -0.720  10.645  1.00 0.00 ? 13  ALA A O    1 
ATOM   145 C  CB   . ALA A 1 10 ? -10.084 -1.451  12.259  1.00 0.00 ? 13  ALA A CB   1 
ATOM   146 H  H    . ALA A 1 10 ? -9.603  0.878   10.223  1.00 0.00 ? 13  ALA A H    1 
ATOM   147 H  HA   . ALA A 1 10 ? -9.494  0.458   13.050  1.00 0.00 ? 13  ALA A HA   1 
ATOM   148 H  HB1  . ALA A 1 10 ? -11.135 -1.323  12.514  1.00 0.00 ? 13  ALA A HB1  1 
ATOM   149 H  HB2  . ALA A 1 10 ? -9.581  -2.006  13.052  1.00 0.00 ? 13  ALA A HB2  1 
ATOM   150 H  HB3  . ALA A 1 10 ? -10.001 -2.002  11.322  1.00 0.00 ? 13  ALA A HB3  1 
ATOM   151 N  N    . SER A 1 11 ? -7.090  -0.114  12.752  1.00 0.00 ? 14  SER A N    1 
ATOM   152 C  CA   . SER A 1 11 ? -5.622  -0.020  12.546  1.00 0.00 ? 14  SER A CA   1 
ATOM   153 C  C    . SER A 1 11 ? -4.949  -1.177  11.777  1.00 0.00 ? 14  SER A C    1 
ATOM   154 O  O    . SER A 1 11 ? -4.428  -0.883  10.700  1.00 0.00 ? 14  SER A O    1 
ATOM   155 C  CB   . SER A 1 11 ? -4.823  0.308   13.815  1.00 0.00 ? 14  SER A CB   1 
ATOM   156 O  OG   . SER A 1 11 ? -5.355  1.456   14.489  1.00 0.00 ? 14  SER A OG   1 
ATOM   157 H  H    . SER A 1 11 ? -7.410  0.034   13.691  1.00 0.00 ? 14  SER A H    1 
ATOM   158 H  HA   . SER A 1 11 ? -5.490  0.852   11.905  1.00 0.00 ? 14  SER A HA   1 
ATOM   159 H  HB2  . SER A 1 11 ? -4.855  -0.547  14.489  1.00 0.00 ? 14  SER A HB2  1 
ATOM   160 H  HB3  . SER A 1 11 ? -3.787  0.508   13.540  1.00 0.00 ? 14  SER A HB3  1 
ATOM   161 H  HG   . SER A 1 11 ? -5.463  1.186   15.476  1.00 0.00 ? 14  SER A HG   1 
ATOM   162 N  N    . PRO A 1 12 ? -5.004  -2.457  12.199  1.00 0.00 ? 15  PRO A N    1 
ATOM   163 C  CA   . PRO A 1 12 ? -4.354  -3.556  11.453  1.00 0.00 ? 15  PRO A CA   1 
ATOM   164 C  C    . PRO A 1 12 ? -4.952  -3.835  10.063  1.00 0.00 ? 15  PRO A C    1 
ATOM   165 O  O    . PRO A 1 12 ? -4.207  -3.893  9.084   1.00 0.00 ? 15  PRO A O    1 
ATOM   166 C  CB   . PRO A 1 12 ? -4.357  -4.762  12.392  1.00 0.00 ? 15  PRO A CB   1 
ATOM   167 C  CG   . PRO A 1 12 ? -5.564  -4.507  13.290  1.00 0.00 ? 15  PRO A CG   1 
ATOM   168 C  CD   . PRO A 1 12 ? -5.645  -2.986  13.421  1.00 0.00 ? 15  PRO A CD   1 
ATOM   169 H  HA   . PRO A 1 12 ? -3.313  -3.270  11.303  1.00 0.00 ? 15  PRO A HA   1 
ATOM   170 H  HB2  . PRO A 1 12 ? -4.476  -5.690  11.834  1.00 0.00 ? 15  PRO A HB2  1 
ATOM   171 H  HB3  . PRO A 1 12 ? -3.441  -4.787  12.983  1.00 0.00 ? 15  PRO A HB3  1 
ATOM   172 H  HG2  . PRO A 1 12 ? -6.470  -4.894  12.823  1.00 0.00 ? 15  PRO A HG2  1 
ATOM   173 H  HG3  . PRO A 1 12 ? -5.419  -4.969  14.267  1.00 0.00 ? 15  PRO A HG3  1 
ATOM   174 H  HD2  . PRO A 1 12 ? -6.687  -2.668  13.467  1.00 0.00 ? 15  PRO A HD2  1 
ATOM   175 H  HD3  . PRO A 1 12 ? -5.109  -2.650  14.309  1.00 0.00 ? 15  PRO A HD3  1 
ATOM   176 N  N    . GLU A 1 13 ? -6.279  -3.776  9.958   1.00 0.00 ? 16  GLU A N    1 
ATOM   177 C  CA   . GLU A 1 13 ? -7.012  -3.830  8.674   1.00 0.00 ? 16  GLU A CA   1 
ATOM   178 C  C    . GLU A 1 13 ? -6.589  -2.744  7.662   1.00 0.00 ? 16  GLU A C    1 
ATOM   179 O  O    . GLU A 1 13 ? -6.228  -3.045  6.521   1.00 0.00 ? 16  GLU A O    1 
ATOM   180 C  CB   . GLU A 1 13 ? -8.517  -3.775  8.974   1.00 0.00 ? 16  GLU A CB   1 
ATOM   181 C  CG   . GLU A 1 13 ? -9.103  -5.088  9.525   1.00 0.00 ? 16  GLU A CG   1 
ATOM   182 C  CD   . GLU A 1 13 ? -8.589  -5.589  10.886  1.00 0.00 ? 16  GLU A CD   1 
ATOM   183 O  OE1  . GLU A 1 13 ? -8.292  -4.762  11.768  1.00 0.00 ? 16  GLU A OE1  1 
ATOM   184 O  OE2  . GLU A 1 13 ? -8.474  -6.821  11.057  1.00 0.00 ? 16  GLU A OE2  1 
ATOM   185 H  H    . GLU A 1 13 ? -6.876  -3.967  10.752  1.00 0.00 ? 16  GLU A H    1 
ATOM   186 H  HA   . GLU A 1 13 ? -6.805  -4.798  8.220   1.00 0.00 ? 16  GLU A HA   1 
ATOM   187 H  HB2  . GLU A 1 13 ? -8.699  -2.981  9.699   1.00 0.00 ? 16  GLU A HB2  1 
ATOM   188 H  HB3  . GLU A 1 13 ? -9.041  -3.529  8.051   1.00 0.00 ? 16  GLU A HB3  1 
ATOM   189 H  HG2  . GLU A 1 13 ? -10.181 -4.951  9.616   1.00 0.00 ? 16  GLU A HG2  1 
ATOM   190 H  HG3  . GLU A 1 13 ? -8.924  -5.871  8.789   1.00 0.00 ? 16  GLU A HG3  1 
ATOM   191 N  N    . GLU A 1 14 ? -6.431  -1.518  8.155   1.00 0.00 ? 17  GLU A N    1 
ATOM   192 C  CA   . GLU A 1 14 ? -5.883  -0.400  7.355   1.00 0.00 ? 17  GLU A CA   1 
ATOM   193 C  C    . GLU A 1 14 ? -4.366  -0.400  7.093   1.00 0.00 ? 17  GLU A C    1 
ATOM   194 O  O    . GLU A 1 14 ? -3.915  0.132   6.075   1.00 0.00 ? 17  GLU A O    1 
ATOM   195 C  CB   . GLU A 1 14 ? -6.381  0.935   7.894   1.00 0.00 ? 17  GLU A CB   1 
ATOM   196 C  CG   . GLU A 1 14 ? -7.874  1.038   7.588   1.00 0.00 ? 17  GLU A CG   1 
ATOM   197 C  CD   . GLU A 1 14 ? -8.430  2.378   8.046   1.00 0.00 ? 17  GLU A CD   1 
ATOM   198 O  OE1  . GLU A 1 14 ? -8.695  2.512   9.248   1.00 0.00 ? 17  GLU A OE1  1 
ATOM   199 O  OE2  . GLU A 1 14 ? -8.571  3.289   7.215   1.00 0.00 ? 17  GLU A OE2  1 
ATOM   200 H  H    . GLU A 1 14 ? -6.825  -1.259  9.045   1.00 0.00 ? 17  GLU A H    1 
ATOM   201 H  HA   . GLU A 1 14 ? -6.343  -0.500  6.372   1.00 0.00 ? 17  GLU A HA   1 
ATOM   202 H  HB2  . GLU A 1 14 ? -6.223  0.978   8.972   1.00 0.00 ? 17  GLU A HB2  1 
ATOM   203 H  HB3  . GLU A 1 14 ? -5.846  1.751   7.410   1.00 0.00 ? 17  GLU A HB3  1 
ATOM   204 H  HG2  . GLU A 1 14 ? -8.029  0.934   6.514   1.00 0.00 ? 17  GLU A HG2  1 
ATOM   205 H  HG3  . GLU A 1 14 ? -8.401  0.238   8.106   1.00 0.00 ? 17  GLU A HG3  1 
ATOM   206 N  N    . LEU A 1 15 ? -3.585  -1.028  7.976   1.00 0.00 ? 18  LEU A N    1 
ATOM   207 C  CA   . LEU A 1 15 ? -2.178  -1.382  7.664   1.00 0.00 ? 18  LEU A CA   1 
ATOM   208 C  C    . LEU A 1 15 ? -2.091  -2.263  6.404   1.00 0.00 ? 18  LEU A C    1 
ATOM   209 O  O    . LEU A 1 15 ? -1.451  -1.857  5.434   1.00 0.00 ? 18  LEU A O    1 
ATOM   210 C  CB   . LEU A 1 15 ? -1.436  -2.099  8.803   1.00 0.00 ? 18  LEU A CB   1 
ATOM   211 C  CG   . LEU A 1 15 ? -1.228  -1.309  10.103  1.00 0.00 ? 18  LEU A CG   1 
ATOM   212 C  CD1  . LEU A 1 15 ? -0.434  -2.158  11.097  1.00 0.00 ? 18  LEU A CD1  1 
ATOM   213 C  CD2  . LEU A 1 15 ? -0.543  0.039   9.888   1.00 0.00 ? 18  LEU A CD2  1 
ATOM   214 H  H    . LEU A 1 15 ? -3.880  -1.165  8.929   1.00 0.00 ? 18  LEU A H    1 
ATOM   215 H  HA   . LEU A 1 15 ? -1.644  -0.456  7.455   1.00 0.00 ? 18  LEU A HA   1 
ATOM   216 H  HB2  . LEU A 1 15 ? -2.001  -2.997  9.051   1.00 0.00 ? 18  LEU A HB2  1 
ATOM   217 H  HB3  . LEU A 1 15 ? -0.457  -2.405  8.432   1.00 0.00 ? 18  LEU A HB3  1 
ATOM   218 H  HG   . LEU A 1 15 ? -2.210  -1.117  10.537  1.00 0.00 ? 18  LEU A HG   1 
ATOM   219 H  HD11 . LEU A 1 15 ? -0.288  -1.597  12.020  1.00 0.00 ? 18  LEU A HD11 1 
ATOM   220 H  HD12 . LEU A 1 15 ? 0.535   -2.410  10.666  1.00 0.00 ? 18  LEU A HD12 1 
ATOM   221 H  HD13 . LEU A 1 15 ? -0.984  -3.074  11.313  1.00 0.00 ? 18  LEU A HD13 1 
ATOM   222 H  HD21 . LEU A 1 15 ? -0.838  0.447   8.921   1.00 0.00 ? 18  LEU A HD21 1 
ATOM   223 H  HD22 . LEU A 1 15 ? 0.539   -0.097  9.910   1.00 0.00 ? 18  LEU A HD22 1 
ATOM   224 H  HD23 . LEU A 1 15 ? -0.839  0.728   10.678  1.00 0.00 ? 18  LEU A HD23 1 
ATOM   225 N  N    . ASN A 1 16 ? -2.937  -3.297  6.338   1.00 0.00 ? 19  ASN A N    1 
ATOM   226 C  CA   . ASN A 1 16 ? -3.049  -4.195  5.159   1.00 0.00 ? 19  ASN A CA   1 
ATOM   227 C  C    . ASN A 1 16 ? -3.371  -3.452  3.846   1.00 0.00 ? 19  ASN A C    1 
ATOM   228 O  O    . ASN A 1 16 ? -2.645  -3.616  2.864   1.00 0.00 ? 19  ASN A O    1 
ATOM   229 C  CB   . ASN A 1 16 ? -4.097  -5.296  5.377   1.00 0.00 ? 19  ASN A CB   1 
ATOM   230 C  CG   . ASN A 1 16 ? -3.832  -6.170  6.607   1.00 0.00 ? 19  ASN A CG   1 
ATOM   231 O  OD1  . ASN A 1 16 ? -2.746  -6.695  6.830   1.00 0.00 ? 19  ASN A OD1  1 
ATOM   232 N  ND2  . ASN A 1 16 ? -4.900  -6.509  7.290   1.00 0.00 ? 19  ASN A ND2  1 
ATOM   233 H  H    . ASN A 1 16 ? -3.477  -3.572  7.141   1.00 0.00 ? 19  ASN A H    1 
ATOM   234 H  HA   . ASN A 1 16 ? -2.084  -4.685  5.029   1.00 0.00 ? 19  ASN A HA   1 
ATOM   235 H  HB2  . ASN A 1 16 ? -5.076  -4.830  5.483   1.00 0.00 ? 19  ASN A HB2  1 
ATOM   236 H  HB3  . ASN A 1 16 ? -4.108  -5.938  4.496   1.00 0.00 ? 19  ASN A HB3  1 
ATOM   237 H  HD21 . ASN A 1 16 ? -5.831  -6.336  6.943   1.00 0.00 ? 19  ASN A HD21 1 
ATOM   238 H  HD22 . ASN A 1 16 ? -4.827  -6.683  8.281   1.00 0.00 ? 19  ASN A HD22 1 
ATOM   239 N  N    . ARG A 1 17 ? -4.332  -2.525  3.902   1.00 0.00 ? 20  ARG A N    1 
ATOM   240 C  CA   . ARG A 1 17 ? -4.669  -1.614  2.777   1.00 0.00 ? 20  ARG A CA   1 
ATOM   241 C  C    . ARG A 1 17 ? -3.486  -0.779  2.253   1.00 0.00 ? 20  ARG A C    1 
ATOM   242 O  O    . ARG A 1 17 ? -3.126  -0.872  1.079   1.00 0.00 ? 20  ARG A O    1 
ATOM   243 C  CB   . ARG A 1 17 ? -5.794  -0.650  3.162   1.00 0.00 ? 20  ARG A CB   1 
ATOM   244 C  CG   . ARG A 1 17 ? -7.134  -1.368  3.292   1.00 0.00 ? 20  ARG A CG   1 
ATOM   245 C  CD   . ARG A 1 17 ? -8.266  -0.419  3.694   1.00 0.00 ? 20  ARG A CD   1 
ATOM   246 N  NE   . ARG A 1 17 ? -8.519  0.609   2.668   1.00 0.00 ? 20  ARG A NE   1 
ATOM   247 C  CZ   . ARG A 1 17 ? -9.454  0.550   1.709   1.00 0.00 ? 20  ARG A CZ   1 
ATOM   248 N  NH1  . ARG A 1 17 ? -10.261 -0.506  1.575   1.00 0.00 ? 20  ARG A NH1  1 
ATOM   249 N  NH2  . ARG A 1 17 ? -9.537  1.537   0.817   1.00 0.00 ? 20  ARG A NH2  1 
ATOM   250 H  H    . ARG A 1 17 ? -4.975  -2.512  4.673   1.00 0.00 ? 20  ARG A H    1 
ATOM   251 H  HA   . ARG A 1 17 ? -5.030  -2.229  1.952   1.00 0.00 ? 20  ARG A HA   1 
ATOM   252 H  HB2  . ARG A 1 17 ? -5.548  -0.178  4.113   1.00 0.00 ? 20  ARG A HB2  1 
ATOM   253 H  HB3  . ARG A 1 17 ? -5.878  0.119   2.393   1.00 0.00 ? 20  ARG A HB3  1 
ATOM   254 H  HG2  . ARG A 1 17 ? -7.383  -1.831  2.337   1.00 0.00 ? 20  ARG A HG2  1 
ATOM   255 H  HG3  . ARG A 1 17 ? -7.043  -2.145  4.050   1.00 0.00 ? 20  ARG A HG3  1 
ATOM   256 H  HD2  . ARG A 1 17 ? -9.176  -1.000  3.842   1.00 0.00 ? 20  ARG A HD2  1 
ATOM   257 H  HD3  . ARG A 1 17 ? -8.002  0.072   4.631   1.00 0.00 ? 20  ARG A HD3  1 
ATOM   258 H  HE   . ARG A 1 17 ? -8.040  1.476   2.803   1.00 0.00 ? 20  ARG A HE   1 
ATOM   259 H  HH11 . ARG A 1 17 ? -10.159 -1.303  2.170   1.00 0.00 ? 20  ARG A HH11 1 
ATOM   260 H  HH12 . ARG A 1 17 ? -11.033 -0.481  0.940   1.00 0.00 ? 20  ARG A HH12 1 
ATOM   261 H  HH21 . ARG A 1 17 ? -8.871  2.287   0.844   1.00 0.00 ? 20  ARG A HH21 1 
ATOM   262 H  HH22 . ARG A 1 17 ? -10.291 1.559   0.163   1.00 0.00 ? 20  ARG A HH22 1 
ATOM   263 N  N    . TYR A 1 18 ? -2.806  -0.086  3.164   1.00 0.00 ? 21  TYR A N    1 
ATOM   264 C  CA   . TYR A 1 18 ? -1.613  0.721   2.824   1.00 0.00 ? 21  TYR A CA   1 
ATOM   265 C  C    . TYR A 1 18 ? -0.419  -0.125  2.332   1.00 0.00 ? 21  TYR A C    1 
ATOM   266 O  O    . TYR A 1 18 ? 0.191   0.220   1.321   1.00 0.00 ? 21  TYR A O    1 
ATOM   267 C  CB   . TYR A 1 18 ? -1.259  1.615   4.014   1.00 0.00 ? 21  TYR A CB   1 
ATOM   268 C  CG   . TYR A 1 18 ? -0.138  2.623   3.740   1.00 0.00 ? 21  TYR A CG   1 
ATOM   269 C  CD1  . TYR A 1 18 ? -0.396  3.802   3.050   1.00 0.00 ? 21  TYR A CD1  1 
ATOM   270 C  CD2  . TYR A 1 18 ? 1.151   2.356   4.180   1.00 0.00 ? 21  TYR A CD2  1 
ATOM   271 C  CE1  . TYR A 1 18 ? 0.625   4.707   2.792   1.00 0.00 ? 21  TYR A CE1  1 
ATOM   272 C  CE2  . TYR A 1 18 ? 2.172   3.255   3.919   1.00 0.00 ? 21  TYR A CE2  1 
ATOM   273 C  CZ   . TYR A 1 18 ? 1.923   4.418   3.201   1.00 0.00 ? 21  TYR A CZ   1 
ATOM   274 O  OH   . TYR A 1 18 ? 2.979   5.044   2.618   1.00 0.00 ? 21  TYR A OH   1 
ATOM   275 H  H    . TYR A 1 18 ? -3.111  -0.041  4.120   1.00 0.00 ? 21  TYR A H    1 
ATOM   276 H  HA   . TYR A 1 18 ? -1.897  1.380   2.003   1.00 0.00 ? 21  TYR A HA   1 
ATOM   277 H  HB2  . TYR A 1 18 ? -2.152  2.162   4.316   1.00 0.00 ? 21  TYR A HB2  1 
ATOM   278 H  HB3  . TYR A 1 18 ? -0.947  0.974   4.839   1.00 0.00 ? 21  TYR A HB3  1 
ATOM   279 H  HD1  . TYR A 1 18 ? -1.394  3.996   2.656   1.00 0.00 ? 21  TYR A HD1  1 
ATOM   280 H  HD2  . TYR A 1 18 ? 1.372   1.440   4.731   1.00 0.00 ? 21  TYR A HD2  1 
ATOM   281 H  HE1  . TYR A 1 18 ? 0.377   5.659   2.322   1.00 0.00 ? 21  TYR A HE1  1 
ATOM   282 H  HE2  . TYR A 1 18 ? 3.160   3.063   4.340   1.00 0.00 ? 21  TYR A HE2  1 
ATOM   283 H  HH   . TYR A 1 18 ? 2.792   6.023   2.481   1.00 0.00 ? 21  TYR A HH   1 
ATOM   284 N  N    . TYR A 1 19 ? -0.201  -1.294  2.938   1.00 0.00 ? 22  TYR A N    1 
ATOM   285 C  CA   . TYR A 1 19 ? 0.784   -2.285  2.438   1.00 0.00 ? 22  TYR A CA   1 
ATOM   286 C  C    . TYR A 1 19 ? 0.462   -2.860  1.044   1.00 0.00 ? 22  TYR A C    1 
ATOM   287 O  O    . TYR A 1 19 ? 1.365   -3.096  0.237   1.00 0.00 ? 22  TYR A O    1 
ATOM   288 C  CB   . TYR A 1 19 ? 1.013   -3.416  3.448   1.00 0.00 ? 22  TYR A CB   1 
ATOM   289 C  CG   . TYR A 1 19 ? 1.747   -2.958  4.717   1.00 0.00 ? 22  TYR A CG   1 
ATOM   290 C  CD1  . TYR A 1 19 ? 2.950   -2.261  4.652   1.00 0.00 ? 22  TYR A CD1  1 
ATOM   291 C  CD2  . TYR A 1 19 ? 1.204   -3.258  5.958   1.00 0.00 ? 22  TYR A CD2  1 
ATOM   292 C  CE1  . TYR A 1 19 ? 3.594   -1.865  5.816   1.00 0.00 ? 22  TYR A CE1  1 
ATOM   293 C  CE2  . TYR A 1 19 ? 1.844   -2.866  7.126   1.00 0.00 ? 22  TYR A CE2  1 
ATOM   294 C  CZ   . TYR A 1 19 ? 3.044   -2.172  7.052   1.00 0.00 ? 22  TYR A CZ   1 
ATOM   295 O  OH   . TYR A 1 19 ? 3.783   -1.989  8.171   1.00 0.00 ? 22  TYR A OH   1 
ATOM   296 H  H    . TYR A 1 19 ? -0.623  -1.513  3.828   1.00 0.00 ? 22  TYR A H    1 
ATOM   297 H  HA   . TYR A 1 19 ? 1.733   -1.758  2.344   1.00 0.00 ? 22  TYR A HA   1 
ATOM   298 H  HB2  . TYR A 1 19 ? 0.044   -3.824  3.737   1.00 0.00 ? 22  TYR A HB2  1 
ATOM   299 H  HB3  . TYR A 1 19 ? 1.597   -4.203  2.968   1.00 0.00 ? 22  TYR A HB3  1 
ATOM   300 H  HD1  . TYR A 1 19 ? 3.430   -2.066  3.696   1.00 0.00 ? 22  TYR A HD1  1 
ATOM   301 H  HD2  . TYR A 1 19 ? 0.280   -3.830  6.022   1.00 0.00 ? 22  TYR A HD2  1 
ATOM   302 H  HE1  . TYR A 1 19 ? 4.523   -1.298  5.747   1.00 0.00 ? 22  TYR A HE1  1 
ATOM   303 H  HE2  . TYR A 1 19 ? 1.412   -3.137  8.091   1.00 0.00 ? 22  TYR A HE2  1 
ATOM   304 H  HH   . TYR A 1 19 ? 3.281   -1.335  8.774   1.00 0.00 ? 22  TYR A HH   1 
ATOM   305 N  N    . ALA A 1 20 ? -0.824  -3.054  0.758   1.00 0.00 ? 23  ALA A N    1 
ATOM   306 C  CA   . ALA A 1 20 ? -1.317  -3.384  -0.598  1.00 0.00 ? 23  ALA A CA   1 
ATOM   307 C  C    . ALA A 1 20 ? -1.070  -2.257  -1.622  1.00 0.00 ? 23  ALA A C    1 
ATOM   308 O  O    . ALA A 1 20 ? -0.426  -2.504  -2.644  1.00 0.00 ? 23  ALA A O    1 
ATOM   309 C  CB   . ALA A 1 20 ? -2.799  -3.747  -0.527  1.00 0.00 ? 23  ALA A CB   1 
ATOM   310 H  H    . ALA A 1 20 ? -1.525  -3.074  1.483   1.00 0.00 ? 23  ALA A H    1 
ATOM   311 H  HA   . ALA A 1 20 ? -0.776  -4.266  -0.941  1.00 0.00 ? 23  ALA A HA   1 
ATOM   312 H  HB1  . ALA A 1 20 ? -2.944  -4.544  0.202   1.00 0.00 ? 23  ALA A HB1  1 
ATOM   313 H  HB2  . ALA A 1 20 ? -3.373  -2.870  -0.226  1.00 0.00 ? 23  ALA A HB2  1 
ATOM   314 H  HB3  . ALA A 1 20 ? -3.138  -4.084  -1.506  1.00 0.00 ? 23  ALA A HB3  1 
ATOM   315 N  N    . SER A 1 21 ? -1.410  -1.017  -1.257  1.00 0.00 ? 24  SER A N    1 
ATOM   316 C  CA   . SER A 1 21 ? -1.033  0.192   -2.040  1.00 0.00 ? 24  SER A CA   1 
ATOM   317 C  C    . SER A 1 21 ? 0.480   0.351   -2.259  1.00 0.00 ? 24  SER A C    1 
ATOM   318 O  O    . SER A 1 21 ? 0.905   0.633   -3.377  1.00 0.00 ? 24  SER A O    1 
ATOM   319 C  CB   . SER A 1 21 ? -1.530  1.500   -1.420  1.00 0.00 ? 24  SER A CB   1 
ATOM   320 O  OG   . SER A 1 21 ? -2.921  1.692   -1.682  1.00 0.00 ? 24  SER A OG   1 
ATOM   321 H  H    . SER A 1 21 ? -2.086  -0.861  -0.524  1.00 0.00 ? 24  SER A H    1 
ATOM   322 H  HA   . SER A 1 21 ? -1.496  0.100   -3.022  1.00 0.00 ? 24  SER A HA   1 
ATOM   323 H  HB2  . SER A 1 21 ? -1.371  1.467   -0.343  1.00 0.00 ? 24  SER A HB2  1 
ATOM   324 H  HB3  . SER A 1 21 ? -0.967  2.332   -1.842  1.00 0.00 ? 24  SER A HB3  1 
ATOM   325 H  HG   . SER A 1 21 ? -2.993  2.349   -2.477  1.00 0.00 ? 24  SER A HG   1 
ATOM   326 N  N    . LEU A 1 22 ? 1.282   0.083   -1.227  1.00 0.00 ? 25  LEU A N    1 
ATOM   327 C  CA   . LEU A 1 22 ? 2.761   0.030   -1.310  1.00 0.00 ? 25  LEU A CA   1 
ATOM   328 C  C    . LEU A 1 22 ? 3.288   -0.940  -2.385  1.00 0.00 ? 25  LEU A C    1 
ATOM   329 O  O    . LEU A 1 22 ? 3.933   -0.492  -3.335  1.00 0.00 ? 25  LEU A O    1 
ATOM   330 C  CB   . LEU A 1 22 ? 3.318   -0.280  0.089   1.00 0.00 ? 25  LEU A CB   1 
ATOM   331 C  CG   . LEU A 1 22 ? 4.815   -0.602  0.195   1.00 0.00 ? 25  LEU A CG   1 
ATOM   332 C  CD1  . LEU A 1 22 ? 5.714   0.551   -0.253  1.00 0.00 ? 25  LEU A CD1  1 
ATOM   333 C  CD2  . LEU A 1 22 ? 5.138   -1.006  1.629   1.00 0.00 ? 25  LEU A CD2  1 
ATOM   334 H  H    . LEU A 1 22 ? 0.912   0.047   -0.288  1.00 0.00 ? 25  LEU A H    1 
ATOM   335 H  HA   . LEU A 1 22 ? 3.105   1.028   -1.580  1.00 0.00 ? 25  LEU A HA   1 
ATOM   336 H  HB2  . LEU A 1 22 ? 3.126   0.589   0.718   1.00 0.00 ? 25  LEU A HB2  1 
ATOM   337 H  HB3  . LEU A 1 22 ? 2.760   -1.123  0.496   1.00 0.00 ? 25  LEU A HB3  1 
ATOM   338 H  HG   . LEU A 1 22 ? 5.021   -1.457  -0.449  1.00 0.00 ? 25  LEU A HG   1 
ATOM   339 H  HD11 . LEU A 1 22 ? 5.470   0.826   -1.278  1.00 0.00 ? 25  LEU A HD11 1 
ATOM   340 H  HD12 . LEU A 1 22 ? 6.757   0.240   -0.199  1.00 0.00 ? 25  LEU A HD12 1 
ATOM   341 H  HD13 . LEU A 1 22 ? 5.557   1.409   0.401   1.00 0.00 ? 25  LEU A HD13 1 
ATOM   342 H  HD21 . LEU A 1 22 ? 6.200   -1.236  1.712   1.00 0.00 ? 25  LEU A HD21 1 
ATOM   343 H  HD22 . LEU A 1 22 ? 4.891   -0.185  2.302   1.00 0.00 ? 25  LEU A HD22 1 
ATOM   344 H  HD23 . LEU A 1 22 ? 4.553   -1.886  1.899   1.00 0.00 ? 25  LEU A HD23 1 
ATOM   345 N  N    . ARG A 1 23 ? 2.866   -2.202  -2.314  1.00 0.00 ? 26  ARG A N    1 
ATOM   346 C  CA   . ARG A 1 23 ? 3.265   -3.232  -3.302  1.00 0.00 ? 26  ARG A CA   1 
ATOM   347 C  C    . ARG A 1 23 ? 2.795   -2.930  -4.740  1.00 0.00 ? 26  ARG A C    1 
ATOM   348 O  O    . ARG A 1 23 ? 3.619   -2.926  -5.656  1.00 0.00 ? 26  ARG A O    1 
ATOM   349 C  CB   . ARG A 1 23 ? 2.829   -4.625  -2.842  1.00 0.00 ? 26  ARG A CB   1 
ATOM   350 C  CG   . ARG A 1 23 ? 3.522   -5.019  -1.531  1.00 0.00 ? 26  ARG A CG   1 
ATOM   351 C  CD   . ARG A 1 23 ? 3.150   -6.422  -1.040  1.00 0.00 ? 26  ARG A CD   1 
ATOM   352 N  NE   . ARG A 1 23 ? 1.706   -6.535  -0.775  1.00 0.00 ? 26  ARG A NE   1 
ATOM   353 C  CZ   . ARG A 1 23 ? 1.134   -6.791  0.412   1.00 0.00 ? 26  ARG A CZ   1 
ATOM   354 N  NH1  . ARG A 1 23 ? 1.854   -7.022  1.515   1.00 0.00 ? 26  ARG A NH1  1 
ATOM   355 N  NH2  . ARG A 1 23 ? -0.196  -6.754  0.514   1.00 0.00 ? 26  ARG A NH2  1 
ATOM   356 H  H    . ARG A 1 23 ? 2.342   -2.532  -1.523  1.00 0.00 ? 26  ARG A H    1 
ATOM   357 H  HA   . ARG A 1 23 ? 4.355   -3.238  -3.325  1.00 0.00 ? 26  ARG A HA   1 
ATOM   358 H  HB2  . ARG A 1 23 ? 1.750   -4.627  -2.687  1.00 0.00 ? 26  ARG A HB2  1 
ATOM   359 H  HB3  . ARG A 1 23 ? 3.081   -5.353  -3.613  1.00 0.00 ? 26  ARG A HB3  1 
ATOM   360 H  HG2  . ARG A 1 23 ? 4.601   -4.972  -1.677  1.00 0.00 ? 26  ARG A HG2  1 
ATOM   361 H  HG3  . ARG A 1 23 ? 3.240   -4.298  -0.763  1.00 0.00 ? 26  ARG A HG3  1 
ATOM   362 H  HD2  . ARG A 1 23 ? 3.429   -7.149  -1.802  1.00 0.00 ? 26  ARG A HD2  1 
ATOM   363 H  HD3  . ARG A 1 23 ? 3.700   -6.636  -0.123  1.00 0.00 ? 26  ARG A HD3  1 
ATOM   364 H  HE   . ARG A 1 23 ? 1.126   -6.526  -1.601  1.00 0.00 ? 26  ARG A HE   1 
ATOM   365 H  HH11 . ARG A 1 23 ? 2.854   -6.980  1.501   1.00 0.00 ? 26  ARG A HH11 1 
ATOM   366 H  HH12 . ARG A 1 23 ? 1.410   -7.320  2.358   1.00 0.00 ? 26  ARG A HH12 1 
ATOM   367 H  HH21 . ARG A 1 23 ? -0.750  -6.541  -0.292  1.00 0.00 ? 26  ARG A HH21 1 
ATOM   368 H  HH22 . ARG A 1 23 ? -0.645  -6.997  1.373   1.00 0.00 ? 26  ARG A HH22 1 
ATOM   369 N  N    . HIS A 1 24 ? 1.563   -2.430  -4.867  1.00 0.00 ? 27  HIS A N    1 
ATOM   370 C  CA   . HIS A 1 24 ? 1.013   -1.894  -6.135  1.00 0.00 ? 27  HIS A CA   1 
ATOM   371 C  C    . HIS A 1 24 ? 1.845   -0.736  -6.720  1.00 0.00 ? 27  HIS A C    1 
ATOM   372 O  O    . HIS A 1 24 ? 2.379   -0.854  -7.824  1.00 0.00 ? 27  HIS A O    1 
ATOM   373 C  CB   . HIS A 1 24 ? -0.449  -1.482  -5.906  1.00 0.00 ? 27  HIS A CB   1 
ATOM   374 C  CG   . HIS A 1 24 ? -1.113  -0.689  -7.039  1.00 0.00 ? 27  HIS A CG   1 
ATOM   375 N  ND1  . HIS A 1 24 ? -0.922  -0.819  -8.356  1.00 0.00 ? 27  HIS A ND1  1 
ATOM   376 C  CD2  . HIS A 1 24 ? -1.908  0.358   -6.828  1.00 0.00 ? 27  HIS A CD2  1 
ATOM   377 C  CE1  . HIS A 1 24 ? -1.603  0.171   -8.943  1.00 0.00 ? 27  HIS A CE1  1 
ATOM   378 N  NE2  . HIS A 1 24 ? -2.213  0.892   -8.003  1.00 0.00 ? 27  HIS A NE2  1 
ATOM   379 H  H    . HIS A 1 24 ? 0.904   -2.478  -4.109  1.00 0.00 ? 27  HIS A H    1 
ATOM   380 H  HA   . HIS A 1 24 ? 1.016   -2.704  -6.865  1.00 0.00 ? 27  HIS A HA   1 
ATOM   381 H  HB2  . HIS A 1 24 ? -1.031  -2.391  -5.752  1.00 0.00 ? 27  HIS A HB2  1 
ATOM   382 H  HB3  . HIS A 1 24 ? -0.498  -0.885  -4.996  1.00 0.00 ? 27  HIS A HB3  1 
ATOM   383 H  HD2  . HIS A 1 24 ? -2.277  0.707   -5.861  1.00 0.00 ? 27  HIS A HD2  1 
ATOM   384 H  HE1  . HIS A 1 24 ? -1.664  0.372   -10.014 1.00 0.00 ? 27  HIS A HE1  1 
ATOM   385 H  HE2  . HIS A 1 24 ? -2.840  1.680   -8.138  1.00 0.00 ? 27  HIS A HE2  1 
ATOM   386 N  N    . TYR A 1 25 ? 2.091   0.280   -5.896  1.00 0.00 ? 28  TYR A N    1 
ATOM   387 C  CA   . TYR A 1 25 ? 2.939   1.437   -6.251  1.00 0.00 ? 28  TYR A CA   1 
ATOM   388 C  C    . TYR A 1 25 ? 4.402   1.105   -6.596  1.00 0.00 ? 28  TYR A C    1 
ATOM   389 O  O    . TYR A 1 25 ? 4.968   1.724   -7.496  1.00 0.00 ? 28  TYR A O    1 
ATOM   390 C  CB   . TYR A 1 25 ? 2.827   2.517   -5.173  1.00 0.00 ? 28  TYR A CB   1 
ATOM   391 C  CG   . TYR A 1 25 ? 1.740   3.541   -5.519  1.00 0.00 ? 28  TYR A CG   1 
ATOM   392 C  CD1  . TYR A 1 25 ? 0.390   3.203   -5.537  1.00 0.00 ? 28  TYR A CD1  1 
ATOM   393 C  CD2  . TYR A 1 25 ? 2.128   4.812   -5.924  1.00 0.00 ? 28  TYR A CD2  1 
ATOM   394 C  CE1  . TYR A 1 25 ? -0.553  4.105   -6.011  1.00 0.00 ? 28  TYR A CE1  1 
ATOM   395 C  CE2  . TYR A 1 25 ? 1.186   5.720   -6.382  1.00 0.00 ? 28  TYR A CE2  1 
ATOM   396 C  CZ   . TYR A 1 25 ? -0.152  5.353   -6.471  1.00 0.00 ? 28  TYR A CZ   1 
ATOM   397 O  OH   . TYR A 1 25 ? -0.950  6.038   -7.327  1.00 0.00 ? 28  TYR A OH   1 
ATOM   398 H  H    . TYR A 1 25 ? 1.645   0.340   -4.994  1.00 0.00 ? 28  TYR A H    1 
ATOM   399 H  HA   . TYR A 1 25 ? 2.504   1.865   -7.155  1.00 0.00 ? 28  TYR A HA   1 
ATOM   400 H  HB2  . TYR A 1 25 ? 2.585   2.048   -4.219  1.00 0.00 ? 28  TYR A HB2  1 
ATOM   401 H  HB3  . TYR A 1 25 ? 3.784   3.032   -5.086  1.00 0.00 ? 28  TYR A HB3  1 
ATOM   402 H  HD1  . TYR A 1 25 ? 0.048   2.260   -5.112  1.00 0.00 ? 28  TYR A HD1  1 
ATOM   403 H  HD2  . TYR A 1 25 ? 3.178   5.100   -5.896  1.00 0.00 ? 28  TYR A HD2  1 
ATOM   404 H  HE1  . TYR A 1 25 ? -1.614  3.886   -5.862  1.00 0.00 ? 28  TYR A HE1  1 
ATOM   405 H  HE2  . TYR A 1 25 ? 1.491   6.754   -6.552  1.00 0.00 ? 28  TYR A HE2  1 
ATOM   406 H  HH   . TYR A 1 25 ? -0.681  7.035   -7.274  1.00 0.00 ? 28  TYR A HH   1 
ATOM   407 N  N    . LEU A 1 26 ? 4.974   0.087   -5.953  1.00 0.00 ? 29  LEU A N    1 
ATOM   408 C  CA   . LEU A 1 26 ? 6.271   -0.479  -6.390  1.00 0.00 ? 29  LEU A CA   1 
ATOM   409 C  C    . LEU A 1 26 ? 6.226   -1.214  -7.746  1.00 0.00 ? 29  LEU A C    1 
ATOM   410 O  O    . LEU A 1 26 ? 6.944   -0.813  -8.665  1.00 0.00 ? 29  LEU A O    1 
ATOM   411 C  CB   . LEU A 1 26 ? 6.935   -1.353  -5.321  1.00 0.00 ? 29  LEU A CB   1 
ATOM   412 C  CG   . LEU A 1 26 ? 7.518   -0.565  -4.143  1.00 0.00 ? 29  LEU A CG   1 
ATOM   413 C  CD1  . LEU A 1 26 ? 8.219   -1.534  -3.193  1.00 0.00 ? 29  LEU A CD1  1 
ATOM   414 C  CD2  . LEU A 1 26 ? 8.515   0.507   -4.595  1.00 0.00 ? 29  LEU A CD2  1 
ATOM   415 H  H    . LEU A 1 26 ? 4.609   -0.257  -5.079  1.00 0.00 ? 29  LEU A H    1 
ATOM   416 H  HA   . LEU A 1 26 ? 6.935   0.374   -6.534  1.00 0.00 ? 29  LEU A HA   1 
ATOM   417 H  HB2  . LEU A 1 26 ? 6.197   -2.058  -4.939  1.00 0.00 ? 29  LEU A HB2  1 
ATOM   418 H  HB3  . LEU A 1 26 ? 7.743   -1.914  -5.791  1.00 0.00 ? 29  LEU A HB3  1 
ATOM   419 H  HG   . LEU A 1 26 ? 6.702   -0.079  -3.607  1.00 0.00 ? 29  LEU A HG   1 
ATOM   420 H  HD11 . LEU A 1 26 ? 8.637   -0.980  -2.352  1.00 0.00 ? 29  LEU A HD11 1 
ATOM   421 H  HD12 . LEU A 1 26 ? 7.500   -2.265  -2.826  1.00 0.00 ? 29  LEU A HD12 1 
ATOM   422 H  HD13 . LEU A 1 26 ? 9.021   -2.047  -3.724  1.00 0.00 ? 29  LEU A HD13 1 
ATOM   423 H  HD21 . LEU A 1 26 ? 8.019   1.202   -5.273  1.00 0.00 ? 29  LEU A HD21 1 
ATOM   424 H  HD22 . LEU A 1 26 ? 9.350   0.031   -5.109  1.00 0.00 ? 29  LEU A HD22 1 
ATOM   425 H  HD23 . LEU A 1 26 ? 8.885   1.049   -3.725  1.00 0.00 ? 29  LEU A HD23 1 
ATOM   426 N  N    . ASN A 1 27 ? 5.268   -2.129  -7.928  1.00 0.00 ? 30  ASN A N    1 
ATOM   427 C  CA   . ASN A 1 27 ? 5.034   -2.839  -9.215  1.00 0.00 ? 30  ASN A CA   1 
ATOM   428 C  C    . ASN A 1 27 ? 4.725   -1.893  -10.396 1.00 0.00 ? 30  ASN A C    1 
ATOM   429 O  O    . ASN A 1 27 ? 5.177   -2.107  -11.518 1.00 0.00 ? 30  ASN A O    1 
ATOM   430 C  CB   . ASN A 1 27 ? 3.894   -3.851  -9.050  1.00 0.00 ? 30  ASN A CB   1 
ATOM   431 C  CG   . ASN A 1 27 ? 4.320   -5.322  -9.164  1.00 0.00 ? 30  ASN A CG   1 
ATOM   432 O  OD1  . ASN A 1 27 ? 4.132   -5.991  -10.174 1.00 0.00 ? 30  ASN A OD1  1 
ATOM   433 N  ND2  . ASN A 1 27 ? 4.864   -5.880  -8.108  1.00 0.00 ? 30  ASN A ND2  1 
ATOM   434 H  H    . ASN A 1 27 ? 4.689   -2.436  -7.162  1.00 0.00 ? 30  ASN A H    1 
ATOM   435 H  HA   . ASN A 1 27 ? 5.939   -3.394  -9.460  1.00 0.00 ? 30  ASN A HA   1 
ATOM   436 H  HB2  . ASN A 1 27 ? 3.448   -3.702  -8.067  1.00 0.00 ? 30  ASN A HB2  1 
ATOM   437 H  HB3  . ASN A 1 27 ? 3.138   -3.649  -9.808  1.00 0.00 ? 30  ASN A HB3  1 
ATOM   438 H  HD21 . ASN A 1 27 ? 5.131   -5.350  -7.284  1.00 0.00 ? 30  ASN A HD21 1 
ATOM   439 H  HD22 . ASN A 1 27 ? 4.830   -6.881  -8.023  1.00 0.00 ? 30  ASN A HD22 1 
ATOM   440 N  N    . LEU A 1 28 ? 4.057   -0.782  -10.082 1.00 0.00 ? 31  LEU A N    1 
ATOM   441 C  CA   . LEU A 1 28 ? 3.779   0.351   -10.997 1.00 0.00 ? 31  LEU A CA   1 
ATOM   442 C  C    . LEU A 1 28 ? 5.047   1.016   -11.585 1.00 0.00 ? 31  LEU A C    1 
ATOM   443 O  O    . LEU A 1 28 ? 5.002   1.530   -12.706 1.00 0.00 ? 31  LEU A O    1 
ATOM   444 C  CB   . LEU A 1 28 ? 3.001   1.390   -10.180 1.00 0.00 ? 31  LEU A CB   1 
ATOM   445 C  CG   . LEU A 1 28 ? 2.123   2.361   -10.973 1.00 0.00 ? 31  LEU A CG   1 
ATOM   446 C  CD1  . LEU A 1 28 ? 0.846   1.660   -11.440 1.00 0.00 ? 31  LEU A CD1  1 
ATOM   447 C  CD2  . LEU A 1 28 ? 1.788   3.580   -10.113 1.00 0.00 ? 31  LEU A CD2  1 
ATOM   448 H  H    . LEU A 1 28 ? 3.601   -0.716  -9.185  1.00 0.00 ? 31  LEU A H    1 
ATOM   449 H  HA   . LEU A 1 28 ? 3.150   -0.001  -11.815 1.00 0.00 ? 31  LEU A HA   1 
ATOM   450 H  HB2  . LEU A 1 28 ? 2.355   0.851   -9.487  1.00 0.00 ? 31  LEU A HB2  1 
ATOM   451 H  HB3  . LEU A 1 28 ? 3.715   1.972   -9.599  1.00 0.00 ? 31  LEU A HB3  1 
ATOM   452 H  HG   . LEU A 1 28 ? 2.678   2.695   -11.850 1.00 0.00 ? 31  LEU A HG   1 
ATOM   453 H  HD11 . LEU A 1 28 ? 0.231   2.363   -12.003 1.00 0.00 ? 31  LEU A HD11 1 
ATOM   454 H  HD12 . LEU A 1 28 ? 0.289   1.304   -10.574 1.00 0.00 ? 31  LEU A HD12 1 
ATOM   455 H  HD13 . LEU A 1 28 ? 1.107   0.816   -12.077 1.00 0.00 ? 31  LEU A HD13 1 
ATOM   456 H  HD21 . LEU A 1 28 ? 1.163   4.267   -10.683 1.00 0.00 ? 31  LEU A HD21 1 
ATOM   457 H  HD22 . LEU A 1 28 ? 2.710   4.085   -9.823  1.00 0.00 ? 31  LEU A HD22 1 
ATOM   458 H  HD23 . LEU A 1 28 ? 1.253   3.259   -9.219  1.00 0.00 ? 31  LEU A HD23 1 
ATOM   459 N  N    . VAL A 1 29 ? 6.139   1.038   -10.813 1.00 0.00 ? 32  VAL A N    1 
ATOM   460 C  CA   . VAL A 1 29 ? 7.383   1.759   -11.180 1.00 0.00 ? 32  VAL A CA   1 
ATOM   461 C  C    . VAL A 1 29 ? 8.698   0.961   -11.360 1.00 0.00 ? 32  VAL A C    1 
ATOM   462 O  O    . VAL A 1 29 ? 9.428   1.200   -12.324 1.00 0.00 ? 32  VAL A O    1 
ATOM   463 C  CB   . VAL A 1 29 ? 7.621   2.970   -10.253 1.00 0.00 ? 32  VAL A CB   1 
ATOM   464 C  CG1  . VAL A 1 29 ? 6.488   3.990   -10.380 1.00 0.00 ? 32  VAL A CG1  1 
ATOM   465 C  CG2  . VAL A 1 29 ? 7.818   2.591   -8.782  1.00 0.00 ? 32  VAL A CG2  1 
ATOM   466 H  H    . VAL A 1 29 ? 6.135   0.608   -9.907  1.00 0.00 ? 32  VAL A H    1 
ATOM   467 H  HA   . VAL A 1 29 ? 7.180   2.191   -12.160 1.00 0.00 ? 32  VAL A HA   1 
ATOM   468 H  HB   . VAL A 1 29 ? 8.537   3.459   -10.587 1.00 0.00 ? 32  VAL A HB   1 
ATOM   469 H  HG11 . VAL A 1 29 ? 6.354   4.256   -11.429 1.00 0.00 ? 32  VAL A HG11 1 
ATOM   470 H  HG12 . VAL A 1 29 ? 6.739   4.884   -9.809  1.00 0.00 ? 32  VAL A HG12 1 
ATOM   471 H  HG13 . VAL A 1 29 ? 5.565   3.558   -9.993  1.00 0.00 ? 32  VAL A HG13 1 
ATOM   472 H  HG21 . VAL A 1 29 ? 8.626   1.864   -8.699  1.00 0.00 ? 32  VAL A HG21 1 
ATOM   473 H  HG22 . VAL A 1 29 ? 6.897   2.156   -8.392  1.00 0.00 ? 32  VAL A HG22 1 
ATOM   474 H  HG23 . VAL A 1 29 ? 8.070   3.483   -8.208  1.00 0.00 ? 32  VAL A HG23 1 
ATOM   475 N  N    . THR A 1 30 ? 8.957   -0.004  -10.476 1.00 0.00 ? 33  THR A N    1 
ATOM   476 C  CA   . THR A 1 30 ? 10.254  -0.729  -10.382 1.00 0.00 ? 33  THR A CA   1 
ATOM   477 C  C    . THR A 1 30 ? 10.097  -2.255  -10.478 1.00 0.00 ? 33  THR A C    1 
ATOM   478 O  O    . THR A 1 30 ? 9.171   -2.826  -9.895  1.00 0.00 ? 33  THR A O    1 
ATOM   479 C  CB   . THR A 1 30 ? 11.005  -0.350  -9.087  1.00 0.00 ? 33  THR A CB   1 
ATOM   480 O  OG1  . THR A 1 30 ? 12.251  -1.053  -8.979  1.00 0.00 ? 33  THR A OG1  1 
ATOM   481 C  CG2  . THR A 1 30 ? 10.179  -0.561  -7.815  1.00 0.00 ? 33  THR A CG2  1 
ATOM   482 H  H    . THR A 1 30 ? 8.240   -0.344  -9.855  1.00 0.00 ? 33  THR A H    1 
ATOM   483 H  HA   . THR A 1 30 ? 10.870  -0.410  -11.224 1.00 0.00 ? 33  THR A HA   1 
ATOM   484 H  HB   . THR A 1 30 ? 11.238  0.713   -9.148  1.00 0.00 ? 33  THR A HB   1 
ATOM   485 H  HG1  . THR A 1 30 ? 13.002  -0.452  -9.335  1.00 0.00 ? 33  THR A HG1  1 
ATOM   486 H  HG21 . THR A 1 30 ? 10.771  -0.274  -6.946  1.00 0.00 ? 33  THR A HG21 1 
ATOM   487 H  HG22 . THR A 1 30 ? 9.901   -1.612  -7.733  1.00 0.00 ? 33  THR A HG22 1 
ATOM   488 H  HG23 . THR A 1 30 ? 9.278   0.051   -7.861  1.00 0.00 ? 33  THR A HG23 1 
ATOM   489 N  N    . ARG A 1 31 ? 11.073  -2.913  -11.103 1.00 0.00 ? 34  ARG A N    1 
ATOM   490 C  CA   . ARG A 1 31 ? 11.042  -4.383  -11.272 1.00 0.00 ? 34  ARG A CA   1 
ATOM   491 C  C    . ARG A 1 31 ? 11.681  -5.153  -10.107 1.00 0.00 ? 34  ARG A C    1 
ATOM   492 O  O    . ARG A 1 31 ? 12.889  -5.139  -9.875  1.00 0.00 ? 34  ARG A O    1 
ATOM   493 C  CB   . ARG A 1 31 ? 11.565  -4.837  -12.636 1.00 0.00 ? 34  ARG A CB   1 
ATOM   494 C  CG   . ARG A 1 31 ? 10.528  -4.515  -13.717 1.00 0.00 ? 34  ARG A CG   1 
ATOM   495 C  CD   . ARG A 1 31 ? 11.070  -4.823  -15.111 1.00 0.00 ? 34  ARG A CD   1 
ATOM   496 N  NE   . ARG A 1 31 ? 10.196  -4.253  -16.150 1.00 0.00 ? 34  ARG A NE   1 
ATOM   497 C  CZ   . ARG A 1 31 ? 10.496  -4.176  -17.455 1.00 0.00 ? 34  ARG A CZ   1 
ATOM   498 N  NH1  . ARG A 1 31 ? 11.704  -4.506  -17.915 1.00 0.00 ? 34  ARG A NH1  1 
ATOM   499 N  NH2  . ARG A 1 31 ? 9.617   -3.669  -18.321 1.00 0.00 ? 34  ARG A NH2  1 
ATOM   500 H  H    . ARG A 1 31 ? 11.940  -2.461  -11.352 1.00 0.00 ? 34  ARG A H    1 
ATOM   501 H  HA   . ARG A 1 31 ? 9.987   -4.656  -11.258 1.00 0.00 ? 34  ARG A HA   1 
ATOM   502 H  HB2  . ARG A 1 31 ? 12.496  -4.316  -12.860 1.00 0.00 ? 34  ARG A HB2  1 
ATOM   503 H  HB3  . ARG A 1 31 ? 11.746  -5.911  -12.616 1.00 0.00 ? 34  ARG A HB3  1 
ATOM   504 H  HG2  . ARG A 1 31 ? 9.634   -5.114  -13.542 1.00 0.00 ? 34  ARG A HG2  1 
ATOM   505 H  HG3  . ARG A 1 31 ? 10.268  -3.458  -13.660 1.00 0.00 ? 34  ARG A HG3  1 
ATOM   506 H  HD2  . ARG A 1 31 ? 12.068  -4.394  -15.209 1.00 0.00 ? 34  ARG A HD2  1 
ATOM   507 H  HD3  . ARG A 1 31 ? 11.129  -5.904  -15.243 1.00 0.00 ? 34  ARG A HD3  1 
ATOM   508 H  HE   . ARG A 1 31 ? 9.327   -3.855  -15.829 1.00 0.00 ? 34  ARG A HE   1 
ATOM   509 H  HH11 . ARG A 1 31 ? 12.448  -4.746  -17.293 1.00 0.00 ? 34  ARG A HH11 1 
ATOM   510 H  HH12 . ARG A 1 31 ? 11.840  -4.617  -18.906 1.00 0.00 ? 34  ARG A HH12 1 
ATOM   511 H  HH21 . ARG A 1 31 ? 8.753   -3.280  -17.992 1.00 0.00 ? 34  ARG A HH21 1 
ATOM   512 H  HH22 . ARG A 1 31 ? 9.822   -3.655  -19.299 1.00 0.00 ? 34  ARG A HH22 1 
ATOM   513 N  N    . GLN A 1 32 ? 10.765  -5.335  -9.172  1.00 0.00 ? 35  GLN A N    1 
ATOM   514 C  CA   . GLN A 1 32 ? 10.863  -6.182  -7.968  1.00 0.00 ? 35  GLN A CA   1 
ATOM   515 C  C    . GLN A 1 32 ? 9.494   -6.884  -7.829  1.00 0.00 ? 35  GLN A C    1 
ATOM   516 O  O    . GLN A 1 32 ? 8.499   -6.403  -8.381  1.00 0.00 ? 35  GLN A O    1 
ATOM   517 C  CB   . GLN A 1 32 ? 11.110  -5.251  -6.778  1.00 0.00 ? 35  GLN A CB   1 
ATOM   518 C  CG   . GLN A 1 32 ? 11.594  -5.970  -5.517  1.00 0.00 ? 35  GLN A CG   1 
ATOM   519 C  CD   . GLN A 1 32 ? 11.511  -5.016  -4.328  1.00 0.00 ? 35  GLN A CD   1 
ATOM   520 O  OE1  . GLN A 1 32 ? 10.621  -5.114  -3.496  1.00 0.00 ? 35  GLN A OE1  1 
ATOM   521 N  NE2  . GLN A 1 32 ? 12.557  -4.261  -4.086  1.00 0.00 ? 35  GLN A NE2  1 
ATOM   522 H  H    . GLN A 1 32 ? 9.910   -4.820  -9.247  1.00 0.00 ? 35  GLN A H    1 
ATOM   523 H  HA   . GLN A 1 32 ? 11.667  -6.910  -8.067  1.00 0.00 ? 35  GLN A HA   1 
ATOM   524 H  HB2  . GLN A 1 32 ? 11.863  -4.518  -7.065  1.00 0.00 ? 35  GLN A HB2  1 
ATOM   525 H  HB3  . GLN A 1 32 ? 10.183  -4.725  -6.546  1.00 0.00 ? 35  GLN A HB3  1 
ATOM   526 H  HG2  . GLN A 1 32 ? 10.964  -6.840  -5.330  1.00 0.00 ? 35  GLN A HG2  1 
ATOM   527 H  HG3  . GLN A 1 32 ? 12.627  -6.290  -5.656  1.00 0.00 ? 35  GLN A HG3  1 
ATOM   528 H  HE21 . GLN A 1 32 ? 13.462  -4.418  -4.503  1.00 0.00 ? 35  GLN A HE21 1 
ATOM   529 H  HE22 . GLN A 1 32 ? 12.395  -3.354  -3.663  1.00 0.00 ? 35  GLN A HE22 1 
ATOM   530 N  N    . ARG A 1 33 ? 9.471   -8.073  -7.244  1.00 0.00 ? 36  ARG A N    1 
ATOM   531 C  CA   . ARG A 1 33 ? 8.210   -8.830  -7.066  1.00 0.00 ? 36  ARG A CA   1 
ATOM   532 C  C    . ARG A 1 33 ? 7.938   -9.367  -5.651  1.00 0.00 ? 36  ARG A C    1 
ATOM   533 O  O    . ARG A 1 33 ? 8.823   -9.296  -4.798  1.00 0.00 ? 36  ARG A O    1 
ATOM   534 C  CB   . ARG A 1 33 ? 8.034   -9.878  -8.177  1.00 0.00 ? 36  ARG A CB   1 
ATOM   535 C  CG   . ARG A 1 33 ? 9.278   -10.692 -8.539  1.00 0.00 ? 36  ARG A CG   1 
ATOM   536 C  CD   . ARG A 1 33 ? 9.020   -11.433 -9.851  1.00 0.00 ? 36  ARG A CD   1 
ATOM   537 N  NE   . ARG A 1 33 ? 10.264  -12.025 -10.371 1.00 0.00 ? 36  ARG A NE   1 
ATOM   538 C  CZ   . ARG A 1 33 ? 10.432  -13.311 -10.710 1.00 0.00 ? 36  ARG A CZ   1 
ATOM   539 N  NH1  . ARG A 1 33 ? 9.439   -14.199 -10.613 1.00 0.00 ? 36  ARG A NH1  1 
ATOM   540 N  NH2  . ARG A 1 33 ? 11.627  -13.739 -11.116 1.00 0.00 ? 36  ARG A NH2  1 
ATOM   541 H  H    . ARG A 1 33 ? 10.288  -8.498  -6.852  1.00 0.00 ? 36  ARG A H    1 
ATOM   542 H  HA   . ARG A 1 33 ? 7.420   -8.100  -7.244  1.00 0.00 ? 36  ARG A HA   1 
ATOM   543 H  HB2  . ARG A 1 33 ? 7.247   -10.569 -7.873  1.00 0.00 ? 36  ARG A HB2  1 
ATOM   544 H  HB3  . ARG A 1 33 ? 7.703   -9.357  -9.076  1.00 0.00 ? 36  ARG A HB3  1 
ATOM   545 H  HG2  . ARG A 1 33 ? 10.131  -10.024 -8.658  1.00 0.00 ? 36  ARG A HG2  1 
ATOM   546 H  HG3  . ARG A 1 33 ? 9.486   -11.413 -7.748  1.00 0.00 ? 36  ARG A HG3  1 
ATOM   547 H  HD2  . ARG A 1 33 ? 8.293   -12.226 -9.676  1.00 0.00 ? 36  ARG A HD2  1 
ATOM   548 H  HD3  . ARG A 1 33 ? 8.619   -10.735 -10.586 1.00 0.00 ? 36  ARG A HD3  1 
ATOM   549 H  HE   . ARG A 1 33 ? 11.006  -11.375 -10.566 1.00 0.00 ? 36  ARG A HE   1 
ATOM   550 H  HH11 . ARG A 1 33 ? 8.537   -13.939 -10.270 1.00 0.00 ? 36  ARG A HH11 1 
ATOM   551 H  HH12 . ARG A 1 33 ? 9.610   -15.147 -10.901 1.00 0.00 ? 36  ARG A HH12 1 
ATOM   552 H  HH21 . ARG A 1 33 ? 12.420  -13.128 -11.136 1.00 0.00 ? 36  ARG A HH21 1 
ATOM   553 H  HH22 . ARG A 1 33 ? 11.719  -14.671 -11.469 1.00 0.00 ? 36  ARG A HH22 1 
ATOM   554 N  N    . TYR A 1 34 ? 6.649   -9.534  -5.366  1.00 0.00 ? 37  TYR A N    1 
ATOM   555 C  CA   . TYR A 1 34 ? 6.157   -10.048 -4.072  1.00 0.00 ? 37  TYR A CA   1 
ATOM   556 C  C    . TYR A 1 34 ? 5.365   -11.362 -4.155  1.00 0.00 ? 37  TYR A C    1 
ATOM   557 O  O    . TYR A 1 34 ? 4.562   -11.538 -5.098  1.00 0.00 ? 37  TYR A O    1 
ATOM   558 C  CB   . TYR A 1 34 ? 5.297   -8.978  -3.392  1.00 0.00 ? 37  TYR A CB   1 
ATOM   559 C  CG   . TYR A 1 34 ? 6.161   -7.947  -2.663  1.00 0.00 ? 37  TYR A CG   1 
ATOM   560 C  CD1  . TYR A 1 34 ? 6.700   -6.855  -3.332  1.00 0.00 ? 37  TYR A CD1  1 
ATOM   561 C  CD2  . TYR A 1 34 ? 6.451   -8.149  -1.320  1.00 0.00 ? 37  TYR A CD2  1 
ATOM   562 C  CE1  . TYR A 1 34 ? 7.551   -5.986  -2.665  1.00 0.00 ? 37  TYR A CE1  1 
ATOM   563 C  CE2  . TYR A 1 34 ? 7.300   -7.288  -0.647  1.00 0.00 ? 37  TYR A CE2  1 
ATOM   564 C  CZ   . TYR A 1 34 ? 7.861   -6.218  -1.330  1.00 0.00 ? 37  TYR A CZ   1 
ATOM   565 O  OH   . TYR A 1 34 ? 8.791   -5.445  -0.722  1.00 0.00 ? 37  TYR A OH   1 
ATOM   566 O  OXT  . TYR A 1 34 ? 5.496   -12.156 -3.204  1.00 0.00 ? 37  TYR A OXT  1 
ATOM   567 H  H    . TYR A 1 34 ? 5.915   -9.218  -5.974  1.00 0.00 ? 37  TYR A H    1 
ATOM   568 H  HA   . TYR A 1 34 ? 7.025   -10.227 -3.437  1.00 0.00 ? 37  TYR A HA   1 
ATOM   569 H  HB2  . TYR A 1 34 ? 4.701   -8.469  -4.150  1.00 0.00 ? 37  TYR A HB2  1 
ATOM   570 H  HB3  . TYR A 1 34 ? 4.631   -9.457  -2.675  1.00 0.00 ? 37  TYR A HB3  1 
ATOM   571 H  HD1  . TYR A 1 34 ? 6.474   -6.694  -4.385  1.00 0.00 ? 37  TYR A HD1  1 
ATOM   572 H  HD2  . TYR A 1 34 ? 5.993   -8.979  -0.784  1.00 0.00 ? 37  TYR A HD2  1 
ATOM   573 H  HE1  . TYR A 1 34 ? 7.976   -5.131  -3.197  1.00 0.00 ? 37  TYR A HE1  1 
ATOM   574 H  HE2  . TYR A 1 34 ? 7.474   -7.452  0.418   1.00 0.00 ? 37  TYR A HE2  1 
ATOM   575 H  HH   . TYR A 1 34 ? 9.033   -5.862  0.181   1.00 0.00 ? 37  TYR A HH   1 
HETATM 576 CO CO   . CNC B 2 .  ? 1.347   4.666   12.137  1.00 0.00 ? 101 CNC A CO   1 
HETATM 577 N  N21  . CNC B 2 .  ? 0.552   4.445   13.751  1.00 0.00 ? 101 CNC A N21  1 
HETATM 578 N  N22  . CNC B 2 .  ? 3.043   4.469   12.949  1.00 0.00 ? 101 CNC A N22  1 
HETATM 579 N  N23  . CNC B 2 .  ? 1.992   4.905   10.374  1.00 0.00 ? 101 CNC A N23  1 
HETATM 580 N  N24  . CNC B 2 .  ? -0.348  4.623   11.490  1.00 0.00 ? 101 CNC A N24  1 
HETATM 581 C  C1   . CNC B 2 .  ? -0.918  4.611   13.866  1.00 0.00 ? 101 CNC A C1   1 
HETATM 582 C  C20  . CNC B 2 .  ? -1.230  6.095   14.167  1.00 0.00 ? 101 CNC A C20  1 
HETATM 583 C  C2   . CNC B 2 .  ? -1.281  3.626   15.024  1.00 0.00 ? 101 CNC A C2   1 
HETATM 584 C  C25  . CNC B 2 .  ? -2.622  3.911   15.720  1.00 0.00 ? 101 CNC A C25  1 
HETATM 585 C  C26  . CNC B 2 .  ? -1.302  2.177   14.486  1.00 0.00 ? 101 CNC A C26  1 
HETATM 586 C  C27  . CNC B 2 .  ? -1.090  1.026   15.487  1.00 0.00 ? 101 CNC A C27  1 
HETATM 587 O  O28  . CNC B 2 .  ? -1.815  0.825   16.452  1.00 0.00 ? 101 CNC A O28  1 
HETATM 588 N  N29  . CNC B 2 .  ? -0.072  0.227   15.250  1.00 0.00 ? 101 CNC A N29  1 
HETATM 589 C  C3   . CNC B 2 .  ? -0.075  3.743   15.984  1.00 0.00 ? 101 CNC A C3   1 
HETATM 590 C  C30  . CNC B 2 .  ? -0.137  4.849   17.061  1.00 0.00 ? 101 CNC A C30  1 
HETATM 591 C  C31  . CNC B 2 .  ? 0.077   4.333   18.489  1.00 0.00 ? 101 CNC A C31  1 
HETATM 592 C  C32  . CNC B 2 .  ? -1.234  3.910   19.158  1.00 0.00 ? 101 CNC A C32  1 
HETATM 593 O  O34  . CNC B 2 .  ? -1.642  2.759   19.113  1.00 0.00 ? 101 CNC A O34  1 
HETATM 594 N  N33  . CNC B 2 .  ? -2.017  4.865   19.607  1.00 0.00 ? 101 CNC A N33  1 
HETATM 595 C  C4   . CNC B 2 .  ? 1.029   3.964   14.956  1.00 0.00 ? 101 CNC A C4   1 
HETATM 596 C  C5   . CNC B 2 .  ? 2.399   3.717   15.216  1.00 0.00 ? 101 CNC A C5   1 
HETATM 597 C  C35  . CNC B 2 .  ? 2.726   2.901   16.479  1.00 0.00 ? 101 CNC A C35  1 
HETATM 598 C  C6   . CNC B 2 .  ? 3.384   4.018   14.223  1.00 0.00 ? 101 CNC A C6   1 
HETATM 599 C  C7   . CNC B 2 .  ? 4.908   4.001   14.493  1.00 0.00 ? 101 CNC A C7   1 
HETATM 600 C  C36  . CNC B 2 .  ? 5.284   4.898   15.675  1.00 0.00 ? 101 CNC A C36  1 
HETATM 601 C  C37  . CNC B 2 .  ? 5.585   2.624   14.659  1.00 0.00 ? 101 CNC A C37  1 
HETATM 602 C  C38  . CNC B 2 .  ? 5.019   1.482   13.801  1.00 0.00 ? 101 CNC A C38  1 
HETATM 603 O  O39  . CNC B 2 .  ? 4.071   0.791   14.153  1.00 0.00 ? 101 CNC A O39  1 
HETATM 604 N  N40  . CNC B 2 .  ? 5.624   1.281   12.654  1.00 0.00 ? 101 CNC A N40  1 
HETATM 605 C  C8   . CNC B 2 .  ? 5.467   4.678   13.252  1.00 0.00 ? 101 CNC A C8   1 
HETATM 606 C  C41  . CNC B 2 .  ? 5.872   6.093   13.667  1.00 0.00 ? 101 CNC A C41  1 
HETATM 607 C  C42  . CNC B 2 .  ? 7.064   6.565   12.836  1.00 0.00 ? 101 CNC A C42  1 
HETATM 608 C  C43  . CNC B 2 .  ? 7.622   7.891   13.354  1.00 0.00 ? 101 CNC A C43  1 
HETATM 609 O  O44  . CNC B 2 .  ? 7.711   8.170   14.546  1.00 0.00 ? 101 CNC A O44  1 
HETATM 610 N  N45  . CNC B 2 .  ? 7.844   8.791   12.428  1.00 0.00 ? 101 CNC A N45  1 
HETATM 611 C  C9   . CNC B 2 .  ? 4.260   4.666   12.323  1.00 0.00 ? 101 CNC A C9   1 
HETATM 612 C  C10  . CNC B 2 .  ? 4.382   4.900   10.940  1.00 0.00 ? 101 CNC A C10  1 
HETATM 613 C  C11  . CNC B 2 .  ? 3.326   4.986   10.016  1.00 0.00 ? 101 CNC A C11  1 
HETATM 614 C  C12  . CNC B 2 .  ? 3.593   5.034   8.520   1.00 0.00 ? 101 CNC A C12  1 
HETATM 615 C  C46  . CNC B 2 .  ? 4.138   3.698   8.028   1.00 0.00 ? 101 CNC A C46  1 
HETATM 616 C  C47  . CNC B 2 .  ? 4.548   6.174   8.163   1.00 0.00 ? 101 CNC A C47  1 
HETATM 617 C  C13  . CNC B 2 .  ? 2.203   5.252   7.939   1.00 0.00 ? 101 CNC A C13  1 
HETATM 618 C  C48  . CNC B 2 .  ? 2.180   6.679   7.376   1.00 0.00 ? 101 CNC A C48  1 
HETATM 619 C  C49  . CNC B 2 .  ? 1.759   6.649   5.901   1.00 0.00 ? 101 CNC A C49  1 
HETATM 620 C  C50  . CNC B 2 .  ? 0.830   7.818   5.585   1.00 0.00 ? 101 CNC A C50  1 
HETATM 621 O  O51  . CNC B 2 .  ? -0.332  7.827   5.964   1.00 0.00 ? 101 CNC A O51  1 
HETATM 622 N  N52  . CNC B 2 .  ? 1.320   8.806   4.872   1.00 0.00 ? 101 CNC A N52  1 
HETATM 623 C  C14  . CNC B 2 .  ? 1.299   5.027   9.170   1.00 0.00 ? 101 CNC A C14  1 
HETATM 624 C  C15  . CNC B 2 .  ? -0.124  4.971   9.075   1.00 0.00 ? 101 CNC A C15  1 
HETATM 625 C  C53  . CNC B 2 .  ? -0.755  4.909   7.677   1.00 0.00 ? 101 CNC A C53  1 
HETATM 626 C  C16  . CNC B 2 .  ? -0.926  4.803   10.247  1.00 0.00 ? 101 CNC A C16  1 
HETATM 627 C  C17  . CNC B 2 .  ? -2.462  4.899   10.352  1.00 0.00 ? 101 CNC A C17  1 
HETATM 628 C  C54  . CNC B 2 .  ? -3.099  3.572   9.925   1.00 0.00 ? 101 CNC A C54  1 
HETATM 629 C  C55  . CNC B 2 .  ? -3.209  6.028   9.608   1.00 0.00 ? 101 CNC A C55  1 
HETATM 630 C  C56  . CNC B 2 .  ? -3.029  7.455   10.148  1.00 0.00 ? 101 CNC A C56  1 
HETATM 631 C  C57  . CNC B 2 .  ? -3.803  8.416   9.241   1.00 0.00 ? 101 CNC A C57  1 
HETATM 632 O  O58  . CNC B 2 .  ? -4.979  8.683   9.490   1.00 0.00 ? 101 CNC A O58  1 
HETATM 633 N  N59  . CNC B 2 .  ? -3.082  8.997   8.279   1.00 0.00 ? 101 CNC A N59  1 
HETATM 634 C  C18  . CNC B 2 .  ? -2.690  4.994   11.866  1.00 0.00 ? 101 CNC A C18  1 
HETATM 635 C  C60  . CNC B 2 .  ? -3.972  4.216   12.166  1.00 0.00 ? 101 CNC A C60  1 
HETATM 636 C  C61  . CNC B 2 .  ? -4.941  4.980   13.075  1.00 0.00 ? 101 CNC A C61  1 
HETATM 637 O  O63  . CNC B 2 .  ? -5.037  6.196   13.059  1.00 0.00 ? 101 CNC A O63  1 
HETATM 638 N  N62  . CNC B 2 .  ? -5.770  4.258   13.793  1.00 0.00 ? 101 CNC A N62  1 
HETATM 639 C  C19  . CNC B 2 .  ? -1.442  4.288   12.426  1.00 0.00 ? 101 CNC A C19  1 
HETATM 640 C  C1P  . CNC B 2 .  ? -3.618  9.714   7.284   1.00 0.00 ? 101 CNC A C1P  1 
HETATM 641 C  C2P  . CNC B 2 .  ? -2.627  10.356  6.301   1.00 0.00 ? 101 CNC A C2P  1 
HETATM 642 C  C3P  . CNC B 2 .  ? -3.436  10.955  5.151   1.00 0.00 ? 101 CNC A C3P  1 
HETATM 643 O  O3   . CNC B 2 .  ? -1.862  11.351  6.967   1.00 0.00 ? 101 CNC A O3   1 
HETATM 644 O  O4   . CNC B 2 .  ? 0.036   12.937  6.739   1.00 0.00 ? 101 CNC A O4   1 
HETATM 645 O  O5   . CNC B 2 .  ? -0.312  11.169  4.951   1.00 0.00 ? 101 CNC A O5   1 
HETATM 646 P  P    . CNC B 2 .  ? -0.442  11.589  6.367   1.00 0.00 ? 101 CNC A P    1 
HETATM 647 O  O2   . CNC B 2 .  ? 0.412   10.550  7.227   1.00 0.00 ? 101 CNC A O2   1 
HETATM 648 C  C3R  . CNC B 2 .  ? 0.991   10.859  8.531   1.00 0.00 ? 101 CNC A C3R  1 
HETATM 649 C  C2R  . CNC B 2 .  ? 0.398   9.996   9.643   1.00 0.00 ? 101 CNC A C2R  1 
HETATM 650 O  O7R  . CNC B 2 .  ? -0.022  8.783   8.977   1.00 0.00 ? 101 CNC A O7R  1 
HETATM 651 C  C1R  . CNC B 2 .  ? 1.599   9.926   10.593  1.00 0.00 ? 101 CNC A C1R  1 
HETATM 652 O  O6R  . CNC B 2 .  ? 2.766   9.804   9.768   1.00 0.00 ? 101 CNC A O6R  1 
HETATM 653 C  C4R  . CNC B 2 .  ? 2.484   10.533  8.556   1.00 0.00 ? 101 CNC A C4R  1 
HETATM 654 C  C5R  . CNC B 2 .  ? 3.392   11.732  8.294   1.00 0.00 ? 101 CNC A C5R  1 
HETATM 655 O  O8R  . CNC B 2 .  ? 4.862   11.582  8.702   1.00 0.00 ? 101 CNC A O8R  1 
HETATM 656 N  N1B  . CNC B 2 .  ? 1.602   8.784   11.536  1.00 0.00 ? 101 CNC A N1B  1 
HETATM 657 C  C8B  . CNC B 2 .  ? 2.083   8.786   12.770  1.00 0.00 ? 101 CNC A C8B  1 
HETATM 658 C  C2B  . CNC B 2 .  ? 1.219   7.549   11.233  1.00 0.00 ? 101 CNC A C2B  1 
HETATM 659 N  N3B  . CNC B 2 .  ? 1.487   6.730   12.250  1.00 0.00 ? 101 CNC A N3B  1 
HETATM 660 C  C9B  . CNC B 2 .  ? 1.985   7.482   13.227  1.00 0.00 ? 101 CNC A C9B  1 
HETATM 661 C  C4B  . CNC B 2 .  ? 2.301   7.248   14.555  1.00 0.00 ? 101 CNC A C4B  1 
HETATM 662 C  C5B  . CNC B 2 .  ? 2.712   8.264   15.420  1.00 0.00 ? 101 CNC A C5B  1 
HETATM 663 C  C5M  . CNC B 2 .  ? 2.930   7.963   16.902  1.00 0.00 ? 101 CNC A C5M  1 
HETATM 664 C  C6B  . CNC B 2 .  ? 2.844   9.569   14.944  1.00 0.00 ? 101 CNC A C6B  1 
HETATM 665 C  C6M  . CNC B 2 .  ? 3.368   10.686  15.844  1.00 0.00 ? 101 CNC A C6M  1 
HETATM 666 C  C7B  . CNC B 2 .  ? 2.525   9.803   13.609  1.00 0.00 ? 101 CNC A C7B  1 
HETATM 667 N  N1A  . CNC B 2 .  ? 1.744   1.886   11.644  1.00 0.00 ? 101 CNC A N1A  1 
HETATM 668 C  C1A  . CNC B 2 .  ? 1.559   2.965   11.812  1.00 0.00 ? 101 CNC A C1A  1 
HETATM 669 H  H201 . CNC B 2 .  ? -0.650  6.420   15.030  1.00 0.00 ? 101 CNC A H201 1 
HETATM 670 H  H202 . CNC B 2 .  ? -0.968  6.704   13.302  1.00 0.00 ? 101 CNC A H202 1 
HETATM 671 H  H203 . CNC B 2 .  ? -2.294  6.206   14.380  1.00 0.00 ? 101 CNC A H203 1 
HETATM 672 H  H251 . CNC B 2 .  ? -3.437  3.513   15.117  1.00 0.00 ? 101 CNC A H251 1 
HETATM 673 H  H252 . CNC B 2 .  ? -2.748  4.987   15.836  1.00 0.00 ? 101 CNC A H252 1 
HETATM 674 H  H253 . CNC B 2 .  ? -2.630  3.437   16.702  1.00 0.00 ? 101 CNC A H253 1 
HETATM 675 H  H261 . CNC B 2 .  ? -2.274  2.021   14.015  1.00 0.00 ? 101 CNC A H261 1 
HETATM 676 H  H262 . CNC B 2 .  ? -0.538  2.094   13.714  1.00 0.00 ? 101 CNC A H262 1 
HETATM 677 H  H291 . CNC B 2 .  ? 0.121   -0.494  15.915  1.00 0.00 ? 101 CNC A H291 1 
HETATM 678 H  H292 . CNC B 2 .  ? 0.457   0.289   14.405  1.00 0.00 ? 101 CNC A H292 1 
HETATM 679 H  H3   . CNC B 2 .  ? 0.084   2.781   16.472  1.00 0.00 ? 101 CNC A H3   1 
HETATM 680 H  H301 . CNC B 2 .  ? 0.635   5.586   16.842  1.00 0.00 ? 101 CNC A H301 1 
HETATM 681 H  H302 . CNC B 2 .  ? -1.111  5.336   17.007  1.00 0.00 ? 101 CNC A H302 1 
HETATM 682 H  H311 . CNC B 2 .  ? 0.534   5.125   19.083  1.00 0.00 ? 101 CNC A H311 1 
HETATM 683 H  H312 . CNC B 2 .  ? 0.752   3.478   18.459  1.00 0.00 ? 101 CNC A H312 1 
HETATM 684 H  H331 . CNC B 2 .  ? -2.816  4.584   20.137  1.00 0.00 ? 101 CNC A H331 1 
HETATM 685 H  H332 . CNC B 2 .  ? -2.076  5.751   19.101  1.00 0.00 ? 101 CNC A H332 1 
HETATM 686 H  H351 . CNC B 2 .  ? 3.793   2.679   16.502  1.00 0.00 ? 101 CNC A H351 1 
HETATM 687 H  H352 . CNC B 2 .  ? 2.161   1.969   16.465  1.00 0.00 ? 101 CNC A H352 1 
HETATM 688 H  H353 . CNC B 2 .  ? 2.456   3.477   17.363  1.00 0.00 ? 101 CNC A H353 1 
HETATM 689 H  H361 . CNC B 2 .  ? 4.894   4.467   16.597  1.00 0.00 ? 101 CNC A H361 1 
HETATM 690 H  H362 . CNC B 2 .  ? 6.369   4.976   15.741  1.00 0.00 ? 101 CNC A H362 1 
HETATM 691 H  H363 . CNC B 2 .  ? 4.856   5.890   15.528  1.00 0.00 ? 101 CNC A H363 1 
HETATM 692 H  H371 . CNC B 2 .  ? 6.638   2.739   14.406  1.00 0.00 ? 101 CNC A H371 1 
HETATM 693 H  H372 . CNC B 2 .  ? 5.513   2.332   15.707  1.00 0.00 ? 101 CNC A H372 1 
HETATM 694 H  H401 . CNC B 2 .  ? 5.298   0.558   12.034  1.00 0.00 ? 101 CNC A H401 1 
HETATM 695 H  H402 . CNC B 2 .  ? 6.441   1.813   12.380  1.00 0.00 ? 101 CNC A H402 1 
HETATM 696 H  H8   . CNC B 2 .  ? 6.306   4.124   12.832  1.00 0.00 ? 101 CNC A H8   1 
HETATM 697 H  H411 . CNC B 2 .  ? 6.143   6.098   14.722  1.00 0.00 ? 101 CNC A H411 1 
HETATM 698 H  H412 . CNC B 2 .  ? 5.032   6.770   13.507  1.00 0.00 ? 101 CNC A H412 1 
HETATM 699 H  H421 . CNC B 2 .  ? 6.745   6.696   11.802  1.00 0.00 ? 101 CNC A H421 1 
HETATM 700 H  H422 . CNC B 2 .  ? 7.848   5.808   12.876  1.00 0.00 ? 101 CNC A H422 1 
HETATM 701 H  H451 . CNC B 2 .  ? 8.330   9.633   12.691  1.00 0.00 ? 101 CNC A H451 1 
HETATM 702 H  H452 . CNC B 2 .  ? 7.315   8.753   11.573  1.00 0.00 ? 101 CNC A H452 1 
HETATM 703 H  H10  . CNC B 2 .  ? 5.381   4.974   10.506  1.00 0.00 ? 101 CNC A H10  1 
HETATM 704 H  H461 . CNC B 2 .  ? 5.134   3.537   8.442   1.00 0.00 ? 101 CNC A H461 1 
HETATM 705 H  H462 . CNC B 2 .  ? 4.194   3.707   6.940   1.00 0.00 ? 101 CNC A H462 1 
HETATM 706 H  H463 . CNC B 2 .  ? 3.476   2.894   8.351   1.00 0.00 ? 101 CNC A H463 1 
HETATM 707 H  H471 . CNC B 2 .  ? 5.559   5.913   8.477   1.00 0.00 ? 101 CNC A H471 1 
HETATM 708 H  H472 . CNC B 2 .  ? 4.533   6.338   7.085   1.00 0.00 ? 101 CNC A H472 1 
HETATM 709 H  H473 . CNC B 2 .  ? 4.234   7.084   8.673   1.00 0.00 ? 101 CNC A H473 1 
HETATM 710 H  H13  . CNC B 2 .  ? 1.987   4.522   7.159   1.00 0.00 ? 101 CNC A H13  1 
HETATM 711 H  H481 . CNC B 2 .  ? 1.469   7.280   7.943   1.00 0.00 ? 101 CNC A H481 1 
HETATM 712 H  H482 . CNC B 2 .  ? 3.174   7.118   7.459   1.00 0.00 ? 101 CNC A H482 1 
HETATM 713 H  H491 . CNC B 2 .  ? 2.647   6.717   5.273   1.00 0.00 ? 101 CNC A H491 1 
HETATM 714 H  H492 . CNC B 2 .  ? 1.242   5.712   5.693   1.00 0.00 ? 101 CNC A H492 1 
HETATM 715 H  H521 . CNC B 2 .  ? 0.701   9.599   4.740   1.00 0.00 ? 101 CNC A H521 1 
HETATM 716 H  H522 . CNC B 2 .  ? 2.251   8.824   4.524   1.00 0.00 ? 101 CNC A H522 1 
HETATM 717 H  H531 . CNC B 2 .  ? -1.834  4.782   7.770   1.00 0.00 ? 101 CNC A H531 1 
HETATM 718 H  H532 . CNC B 2 .  ? -0.543  5.834   7.141   1.00 0.00 ? 101 CNC A H532 1 
HETATM 719 H  H533 . CNC B 2 .  ? -0.336  4.066   7.127   1.00 0.00 ? 101 CNC A H533 1 
HETATM 720 H  H541 . CNC B 2 .  ? -2.720  3.286   8.944   1.00 0.00 ? 101 CNC A H541 1 
HETATM 721 H  H542 . CNC B 2 .  ? -4.181  3.688   9.876   1.00 0.00 ? 101 CNC A H542 1 
HETATM 722 H  H543 . CNC B 2 .  ? -2.848  2.798   10.651  1.00 0.00 ? 101 CNC A H543 1 
HETATM 723 H  H551 . CNC B 2 .  ? -4.274  5.795   9.643   1.00 0.00 ? 101 CNC A H551 1 
HETATM 724 H  H552 . CNC B 2 .  ? -2.892  6.016   8.566   1.00 0.00 ? 101 CNC A H552 1 
HETATM 725 H  H561 . CNC B 2 .  ? -3.416  7.516   11.164  1.00 0.00 ? 101 CNC A H561 1 
HETATM 726 H  H562 . CNC B 2 .  ? -1.971  7.717   10.142  1.00 0.00 ? 101 CNC A H562 1 
HETATM 727 H  H59  . CNC B 2 .  ? -2.086  9.050   8.370   1.00 0.00 ? 101 CNC A H59  1 
HETATM 728 H  H18  . CNC B 2 .  ? -2.755  6.029   12.201  1.00 0.00 ? 101 CNC A H18  1 
HETATM 729 H  H601 . CNC B 2 .  ? -4.476  4.002   11.224  1.00 0.00 ? 101 CNC A H601 1 
HETATM 730 H  H602 . CNC B 2 .  ? -3.708  3.274   12.646  1.00 0.00 ? 101 CNC A H602 1 
HETATM 731 H  H621 . CNC B 2 .  ? -6.452  4.766   14.314  1.00 0.00 ? 101 CNC A H621 1 
HETATM 732 H  H622 . CNC B 2 .  ? -5.794  3.252   13.695  1.00 0.00 ? 101 CNC A H622 1 
HETATM 733 H  H1P1 . CNC B 2 .  ? -4.209  10.514  7.731   1.00 0.00 ? 101 CNC A H1P1 1 
HETATM 734 H  H1P2 . CNC B 2 .  ? -4.290  9.067   6.719   1.00 0.00 ? 101 CNC A H1P2 1 
HETATM 735 H  H2P  . CNC B 2 .  ? -1.958  9.589   5.910   1.00 0.00 ? 101 CNC A H2P  1 
HETATM 736 H  H3P1 . CNC B 2 .  ? -2.759  11.420  4.434   1.00 0.00 ? 101 CNC A H3P1 1 
HETATM 737 H  H3P2 . CNC B 2 .  ? -4.002  10.166  4.656   1.00 0.00 ? 101 CNC A H3P2 1 
HETATM 738 H  H3P3 . CNC B 2 .  ? -4.122  11.706  5.542   1.00 0.00 ? 101 CNC A H3P3 1 
HETATM 739 H  H3R  . CNC B 2 .  ? 0.839   11.914  8.761   1.00 0.00 ? 101 CNC A H3R  1 
HETATM 740 H  H2R  . CNC B 2 .  ? -0.447  10.495  10.117  1.00 0.00 ? 101 CNC A H2R  1 
HETATM 741 H  HOR7 . CNC B 2 .  ? 0.109   9.075   7.997   1.00 0.00 ? 101 CNC A HOR7 1 
HETATM 742 H  H1R  . CNC B 2 .  ? 1.659   10.855  11.159  1.00 0.00 ? 101 CNC A H1R  1 
HETATM 743 H  H4R  . CNC B 2 .  ? 2.656   9.836   7.736   1.00 0.00 ? 101 CNC A H4R  1 
HETATM 744 H  H2B  . CNC B 2 .  ? 0.711   7.304   10.291  1.00 0.00 ? 101 CNC A H2B  1 
HETATM 745 H  H4B  . CNC B 2 .  ? 2.187   6.241   14.943  1.00 0.00 ? 101 CNC A H4B  1 
HETATM 746 H  HM51 . CNC B 2 .  ? 2.718   6.911   17.095  1.00 0.00 ? 101 CNC A HM51 1 
HETATM 747 H  HM52 . CNC B 2 .  ? 2.262   8.583   17.499  1.00 0.00 ? 101 CNC A HM52 1 
HETATM 748 H  HM53 . CNC B 2 .  ? 3.964   8.180   17.169  1.00 0.00 ? 101 CNC A HM53 1 
HETATM 749 H  HM61 . CNC B 2 .  ? 3.460   11.605  15.266  1.00 0.00 ? 101 CNC A HM61 1 
HETATM 750 H  HM62 . CNC B 2 .  ? 2.674   10.843  16.670  1.00 0.00 ? 101 CNC A HM62 1 
HETATM 751 H  HM63 . CNC B 2 .  ? 4.345   10.406  16.239  1.00 0.00 ? 101 CNC A HM63 1 
HETATM 752 H  H7B  . CNC B 2 .  ? 2.681   10.799  13.189  1.00 0.00 ? 101 CNC A H7B  1 
HETATM 753 H  HC32 . CNC B 2 .  ? -1.613  3.213   12.368  1.00 0.00 ? 101 CNC A HC32 1 
# 
